data_3QY9
#
_entry.id   3QY9
#
_cell.length_a   85.900
_cell.length_b   112.440
_cell.length_c   131.610
_cell.angle_alpha   90.00
_cell.angle_beta   90.00
_cell.angle_gamma   90.00
#
_symmetry.space_group_name_H-M   'P 21 21 21'
#
loop_
_entity.id
_entity.type
_entity.pdbx_description
1 polymer 'Dihydrodipicolinate reductase'
2 non-polymer 'SULFATE ION'
3 non-polymer GLYCEROL
4 non-polymer 'ACETATE ION'
5 water water
#
_entity_poly.entity_id   1
_entity_poly.type   'polypeptide(L)'
_entity_poly.pdbx_seq_one_letter_code
;MASMKILLIGYGAMNQRVARLAEEKGHEIVGVIENTPKATTPYQQYQHIADVKGADVAIDFSNPNLLFPLLDEDFHLPLV
VATTGEKEKLLNKLDELSQNMPVFFSANMSYGVHALTKILAAAVPLLDDFDIELTEAHHNKKVDAPSGTLEKLYDVIVSL
KENVTPVYDRHELNEKRQPQDIGIHSIRGGTIVGEHEVLFAGTDETIQITHRAQSKDIFANGAIQAAERLVNKPNGFYTF
DNL
;
_entity_poly.pdbx_strand_id   A,B,C,D
#
# COMPACT_ATOMS: atom_id res chain seq x y z
N SER A 3 37.26 -10.20 -9.87
CA SER A 3 36.40 -11.09 -9.04
C SER A 3 37.19 -11.68 -7.86
N MET A 4 36.50 -12.42 -7.00
CA MET A 4 37.09 -12.89 -5.74
C MET A 4 37.14 -14.40 -5.63
N LYS A 5 38.10 -14.88 -4.84
CA LYS A 5 38.14 -16.26 -4.40
C LYS A 5 37.59 -16.31 -2.98
N ILE A 6 36.49 -17.02 -2.79
CA ILE A 6 35.71 -16.97 -1.55
C ILE A 6 35.81 -18.25 -0.73
N LEU A 7 36.04 -18.10 0.57
CA LEU A 7 35.93 -19.21 1.50
C LEU A 7 34.57 -19.13 2.19
N LEU A 8 33.84 -20.23 2.19
CA LEU A 8 32.54 -20.27 2.83
C LEU A 8 32.65 -21.00 4.17
N ILE A 9 32.41 -20.28 5.26
CA ILE A 9 32.34 -20.90 6.58
C ILE A 9 30.89 -21.29 6.83
N GLY A 10 30.66 -22.59 6.96
CA GLY A 10 29.31 -23.14 7.00
C GLY A 10 28.76 -23.31 5.59
N TYR A 11 27.91 -24.32 5.40
CA TYR A 11 27.30 -24.56 4.10
C TYR A 11 25.83 -24.99 4.23
N GLY A 12 25.06 -24.17 4.94
CA GLY A 12 23.61 -24.34 5.00
C GLY A 12 22.94 -23.67 3.81
N ALA A 13 21.62 -23.52 3.88
CA ALA A 13 20.85 -22.93 2.79
C ALA A 13 21.42 -21.58 2.31
N MET A 14 21.86 -20.76 3.26
CA MET A 14 22.30 -19.41 2.95
C MET A 14 23.62 -19.37 2.18
N ASN A 15 24.61 -20.14 2.62
CA ASN A 15 25.87 -20.18 1.87
C ASN A 15 25.75 -20.94 0.55
N GLN A 16 24.72 -21.79 0.43
CA GLN A 16 24.35 -22.39 -0.84
C GLN A 16 23.85 -21.31 -1.82
N ARG A 17 23.07 -20.37 -1.28
CA ARG A 17 22.63 -19.21 -2.07
CA ARG A 17 22.63 -19.21 -2.07
C ARG A 17 23.84 -18.37 -2.48
N VAL A 18 24.73 -18.11 -1.50
CA VAL A 18 25.96 -17.34 -1.74
C VAL A 18 26.78 -18.01 -2.84
N ALA A 19 26.92 -19.33 -2.78
CA ALA A 19 27.66 -20.08 -3.79
C ALA A 19 27.09 -19.85 -5.19
N ARG A 20 25.79 -20.07 -5.35
CA ARG A 20 25.10 -19.86 -6.62
C ARG A 20 25.25 -18.41 -7.11
N LEU A 21 24.99 -17.46 -6.22
CA LEU A 21 25.03 -16.04 -6.58
C LEU A 21 26.44 -15.51 -6.81
N ALA A 22 27.41 -16.02 -6.06
CA ALA A 22 28.80 -15.60 -6.22
C ALA A 22 29.34 -16.05 -7.57
N GLU A 23 29.05 -17.30 -7.92
CA GLU A 23 29.50 -17.87 -9.20
C GLU A 23 28.88 -17.13 -10.38
N GLU A 24 27.60 -16.76 -10.24
CA GLU A 24 26.89 -15.97 -11.25
C GLU A 24 27.52 -14.60 -11.47
N LYS A 25 28.20 -14.09 -10.43
CA LYS A 25 28.90 -12.81 -10.49
C LYS A 25 30.36 -12.93 -10.98
N GLY A 26 30.81 -14.16 -11.21
CA GLY A 26 32.16 -14.41 -11.71
C GLY A 26 33.17 -14.76 -10.64
N HIS A 27 32.73 -14.76 -9.38
CA HIS A 27 33.57 -15.18 -8.26
C HIS A 27 33.69 -16.70 -8.25
N GLU A 28 34.66 -17.22 -7.52
CA GLU A 28 34.76 -18.67 -7.34
C GLU A 28 34.87 -19.05 -5.87
N ILE A 29 34.16 -20.11 -5.51
CA ILE A 29 34.24 -20.69 -4.17
C ILE A 29 35.45 -21.63 -4.14
N VAL A 30 36.49 -21.22 -3.41
CA VAL A 30 37.74 -21.97 -3.35
C VAL A 30 37.78 -22.98 -2.20
N GLY A 31 36.88 -22.82 -1.24
CA GLY A 31 36.82 -23.71 -0.09
C GLY A 31 35.60 -23.56 0.80
N VAL A 32 35.28 -24.64 1.50
CA VAL A 32 34.18 -24.67 2.47
C VAL A 32 34.69 -25.27 3.78
N ILE A 33 34.34 -24.65 4.90
CA ILE A 33 34.56 -25.25 6.22
C ILE A 33 33.22 -25.56 6.87
N GLU A 34 32.99 -26.84 7.16
CA GLU A 34 31.67 -27.33 7.54
C GLU A 34 31.73 -28.23 8.78
N ASN A 35 30.58 -28.42 9.42
CA ASN A 35 30.47 -29.33 10.57
C ASN A 35 30.60 -30.78 10.15
N THR A 36 29.64 -31.25 9.34
CA THR A 36 29.70 -32.58 8.74
C THR A 36 29.58 -32.43 7.21
N PRO A 37 30.72 -32.53 6.51
CA PRO A 37 30.81 -32.30 5.05
C PRO A 37 29.97 -33.28 4.23
N LYS A 38 29.58 -32.87 3.03
CA LYS A 38 28.98 -33.79 2.07
C LYS A 38 29.91 -34.19 0.95
N THR A 41 28.31 -31.58 -1.52
CA THR A 41 29.05 -30.34 -1.65
C THR A 41 30.11 -30.47 -2.76
N PRO A 42 30.07 -29.56 -3.76
CA PRO A 42 30.97 -29.63 -4.91
C PRO A 42 32.31 -28.89 -4.73
N TYR A 43 32.57 -28.36 -3.53
CA TYR A 43 33.79 -27.58 -3.28
C TYR A 43 34.80 -28.30 -2.38
N GLN A 44 36.01 -27.75 -2.31
CA GLN A 44 37.09 -28.33 -1.50
C GLN A 44 36.85 -28.08 -0.01
N GLN A 45 37.03 -29.14 0.78
CA GLN A 45 36.75 -29.11 2.22
C GLN A 45 38.00 -28.80 3.03
N TYR A 46 37.89 -27.80 3.93
CA TYR A 46 39.00 -27.41 4.80
C TYR A 46 38.60 -27.45 6.28
N GLN A 47 39.61 -27.54 7.14
CA GLN A 47 39.42 -27.58 8.59
C GLN A 47 39.89 -26.29 9.23
N HIS A 48 40.71 -25.54 8.48
CA HIS A 48 41.31 -24.30 8.96
C HIS A 48 41.32 -23.23 7.87
N ILE A 49 41.14 -21.99 8.30
CA ILE A 49 41.09 -20.83 7.39
C ILE A 49 42.46 -20.51 6.77
N ALA A 50 43.53 -20.76 7.53
CA ALA A 50 44.89 -20.55 7.05
C ALA A 50 45.24 -21.51 5.90
N ASP A 51 44.57 -22.66 5.88
CA ASP A 51 44.80 -23.71 4.88
C ASP A 51 44.35 -23.30 3.47
N VAL A 52 43.33 -22.45 3.40
CA VAL A 52 42.74 -22.05 2.13
C VAL A 52 43.65 -21.07 1.39
N LYS A 53 44.41 -21.62 0.44
CA LYS A 53 45.51 -20.92 -0.24
C LYS A 53 45.20 -19.53 -0.79
N GLY A 54 44.42 -19.47 -1.87
CA GLY A 54 44.19 -18.22 -2.57
C GLY A 54 42.90 -17.48 -2.23
N ALA A 55 42.44 -17.65 -1.00
CA ALA A 55 41.20 -16.98 -0.55
C ALA A 55 41.41 -15.47 -0.40
N ASP A 56 40.44 -14.71 -0.88
CA ASP A 56 40.43 -13.25 -0.76
C ASP A 56 39.59 -12.80 0.44
N VAL A 57 38.60 -13.62 0.78
CA VAL A 57 37.61 -13.28 1.80
C VAL A 57 36.89 -14.53 2.27
N ALA A 58 36.40 -14.50 3.50
CA ALA A 58 35.50 -15.55 3.99
C ALA A 58 34.12 -14.95 4.19
N ILE A 59 33.10 -15.68 3.75
CA ILE A 59 31.71 -15.32 4.04
C ILE A 59 31.14 -16.39 4.96
N ASP A 60 30.77 -15.96 6.17
CA ASP A 60 30.30 -16.87 7.21
C ASP A 60 28.80 -16.77 7.43
N PHE A 61 28.11 -17.88 7.17
CA PHE A 61 26.74 -18.07 7.60
C PHE A 61 26.70 -19.41 8.31
N SER A 62 27.04 -19.42 9.59
CA SER A 62 27.05 -20.68 10.36
C SER A 62 26.55 -20.51 11.80
N ASN A 63 27.32 -21.03 12.77
CA ASN A 63 26.97 -20.97 14.18
C ASN A 63 28.24 -20.83 15.05
N PRO A 64 28.10 -20.39 16.32
CA PRO A 64 29.24 -20.28 17.25
C PRO A 64 30.10 -21.54 17.36
N ASN A 65 29.45 -22.70 17.50
CA ASN A 65 30.16 -23.99 17.64
C ASN A 65 31.17 -24.28 16.52
N LEU A 66 30.83 -23.89 15.30
CA LEU A 66 31.73 -24.04 14.15
C LEU A 66 32.69 -22.85 14.02
N LEU A 67 32.17 -21.64 14.21
CA LEU A 67 32.94 -20.42 13.94
C LEU A 67 33.97 -20.07 15.03
N PHE A 68 33.55 -20.11 16.29
CA PHE A 68 34.40 -19.67 17.42
C PHE A 68 35.78 -20.34 17.50
N PRO A 69 35.86 -21.67 17.29
CA PRO A 69 37.19 -22.30 17.28
C PRO A 69 38.04 -21.91 16.06
N LEU A 70 37.39 -21.51 14.96
CA LEU A 70 38.10 -21.06 13.76
C LEU A 70 38.68 -19.65 13.94
N LEU A 71 37.95 -18.80 14.66
CA LEU A 71 38.39 -17.43 14.94
C LEU A 71 39.53 -17.38 15.94
N ASP A 72 39.57 -18.39 16.81
CA ASP A 72 40.57 -18.48 17.87
C ASP A 72 41.94 -18.90 17.34
N GLU A 73 42.03 -19.11 16.03
CA GLU A 73 43.26 -19.56 15.38
C GLU A 73 44.06 -18.44 14.71
N ASP A 74 45.27 -18.78 14.25
CA ASP A 74 46.22 -17.83 13.69
C ASP A 74 46.09 -17.72 12.16
N PHE A 75 45.52 -16.60 11.70
CA PHE A 75 45.27 -16.37 10.28
C PHE A 75 45.15 -14.88 9.94
N HIS A 76 45.17 -14.57 8.64
CA HIS A 76 44.92 -13.23 8.14
C HIS A 76 44.02 -13.29 6.91
N LEU A 77 42.76 -12.89 7.08
CA LEU A 77 41.79 -12.86 5.99
C LEU A 77 40.63 -11.92 6.30
N PRO A 78 40.16 -11.17 5.28
CA PRO A 78 38.92 -10.44 5.44
C PRO A 78 37.77 -11.38 5.74
N LEU A 79 36.95 -11.01 6.72
CA LEU A 79 35.84 -11.83 7.17
C LEU A 79 34.51 -11.10 7.06
N VAL A 80 33.56 -11.74 6.39
CA VAL A 80 32.18 -11.28 6.36
C VAL A 80 31.39 -12.25 7.22
N VAL A 81 30.96 -11.76 8.39
CA VAL A 81 30.38 -12.61 9.44
C VAL A 81 28.90 -12.30 9.64
N ALA A 82 28.07 -13.29 9.41
CA ALA A 82 26.61 -13.13 9.53
C ALA A 82 26.01 -13.95 10.67
N THR A 83 26.85 -14.77 11.31
CA THR A 83 26.43 -15.60 12.44
C THR A 83 25.79 -14.77 13.54
N THR A 84 24.57 -15.16 13.93
CA THR A 84 23.78 -14.40 14.89
C THR A 84 23.75 -15.05 16.28
N GLY A 85 24.63 -16.03 16.51
CA GLY A 85 24.68 -16.72 17.79
C GLY A 85 25.71 -16.14 18.74
N GLU A 86 25.34 -16.05 20.02
CA GLU A 86 26.20 -15.55 21.10
C GLU A 86 26.91 -14.24 20.73
N LYS A 87 26.13 -13.21 20.44
CA LYS A 87 26.63 -11.92 19.92
C LYS A 87 27.75 -11.30 20.76
N GLU A 88 27.63 -11.42 22.09
CA GLU A 88 28.58 -10.81 23.03
C GLU A 88 30.01 -11.34 22.90
N LYS A 89 30.17 -12.66 22.94
CA LYS A 89 31.47 -13.29 22.82
C LYS A 89 32.02 -13.22 21.40
N LEU A 90 31.13 -13.26 20.41
CA LEU A 90 31.52 -13.15 19.00
C LEU A 90 32.12 -11.79 18.68
N LEU A 91 31.44 -10.73 19.13
CA LEU A 91 31.91 -9.36 18.91
C LEU A 91 33.20 -9.05 19.65
N ASN A 92 33.45 -9.76 20.75
CA ASN A 92 34.72 -9.67 21.47
C ASN A 92 35.89 -10.23 20.66
N LYS A 93 35.66 -11.38 20.01
CA LYS A 93 36.68 -12.01 19.19
C LYS A 93 36.87 -11.28 17.85
N LEU A 94 35.77 -10.81 17.28
CA LEU A 94 35.79 -10.03 16.04
C LEU A 94 36.52 -8.69 16.23
N ASP A 95 36.33 -8.10 17.42
CA ASP A 95 37.02 -6.87 17.81
C ASP A 95 38.53 -7.07 17.82
N GLU A 96 38.98 -8.17 18.43
CA GLU A 96 40.41 -8.52 18.50
C GLU A 96 41.00 -8.78 17.10
N LEU A 97 40.28 -9.52 16.28
CA LEU A 97 40.73 -9.86 14.93
C LEU A 97 40.79 -8.64 14.00
N SER A 98 39.94 -7.65 14.26
CA SER A 98 39.87 -6.43 13.45
C SER A 98 41.11 -5.54 13.57
N GLN A 99 41.93 -5.81 14.59
CA GLN A 99 43.19 -5.11 14.78
C GLN A 99 44.22 -5.58 13.76
N ASN A 100 43.95 -6.72 13.14
CA ASN A 100 44.91 -7.40 12.27
C ASN A 100 44.42 -7.72 10.86
N MET A 101 43.12 -7.55 10.63
CA MET A 101 42.50 -7.81 9.33
C MET A 101 41.18 -7.04 9.17
N PRO A 102 40.69 -6.88 7.92
CA PRO A 102 39.36 -6.29 7.76
C PRO A 102 38.27 -7.26 8.25
N VAL A 103 37.40 -6.78 9.13
CA VAL A 103 36.33 -7.61 9.70
C VAL A 103 34.99 -6.90 9.54
N PHE A 104 34.07 -7.53 8.82
CA PHE A 104 32.72 -7.01 8.64
C PHE A 104 31.70 -7.87 9.38
N PHE A 105 30.89 -7.23 10.21
CA PHE A 105 29.79 -7.91 10.87
C PHE A 105 28.46 -7.21 10.63
N SER A 106 27.45 -7.99 10.28
CA SER A 106 26.07 -7.53 10.28
C SER A 106 25.14 -8.71 10.57
N ALA A 107 24.29 -8.54 11.59
CA ALA A 107 23.29 -9.54 11.93
C ALA A 107 22.30 -9.73 10.78
N ASN A 108 22.13 -8.67 9.99
CA ASN A 108 21.26 -8.69 8.83
C ASN A 108 22.07 -8.26 7.62
N MET A 109 22.22 -9.16 6.66
CA MET A 109 23.10 -8.93 5.50
C MET A 109 22.45 -8.20 4.32
N SER A 110 21.15 -7.90 4.43
CA SER A 110 20.45 -7.19 3.36
C SER A 110 20.89 -5.74 3.28
N TYR A 111 21.41 -5.35 2.12
CA TYR A 111 21.79 -3.95 1.92
C TYR A 111 20.55 -3.05 1.82
N GLY A 112 19.48 -3.59 1.24
CA GLY A 112 18.20 -2.88 1.19
C GLY A 112 17.69 -2.55 2.59
N VAL A 113 17.82 -3.50 3.52
CA VAL A 113 17.40 -3.28 4.90
C VAL A 113 18.29 -2.23 5.54
N HIS A 114 19.59 -2.28 5.26
CA HIS A 114 20.48 -1.23 5.73
C HIS A 114 20.05 0.14 5.25
N ALA A 115 19.75 0.26 3.95
CA ALA A 115 19.29 1.53 3.38
C ALA A 115 18.01 1.98 4.07
N LEU A 116 17.08 1.05 4.27
CA LEU A 116 15.87 1.35 5.04
C LEU A 116 16.20 1.95 6.41
N THR A 117 17.17 1.38 7.12
CA THR A 117 17.52 1.91 8.44
C THR A 117 18.08 3.33 8.37
N LYS A 118 18.86 3.62 7.33
CA LYS A 118 19.44 4.95 7.12
C LYS A 118 18.37 5.96 6.67
N ILE A 119 17.44 5.49 5.84
CA ILE A 119 16.31 6.32 5.40
C ILE A 119 15.41 6.64 6.61
N LEU A 120 15.15 5.64 7.45
CA LEU A 120 14.44 5.84 8.71
C LEU A 120 15.16 6.85 9.61
N ALA A 121 16.49 6.71 9.73
CA ALA A 121 17.30 7.61 10.55
C ALA A 121 17.15 9.07 10.11
N ALA A 122 17.11 9.28 8.80
CA ALA A 122 16.89 10.61 8.24
C ALA A 122 15.48 11.12 8.54
N ALA A 123 14.50 10.23 8.43
CA ALA A 123 13.09 10.60 8.58
C ALA A 123 12.71 11.06 9.99
N VAL A 124 13.22 10.38 11.02
CA VAL A 124 12.76 10.55 12.40
C VAL A 124 12.86 12.00 12.92
N PRO A 125 14.06 12.63 12.84
CA PRO A 125 14.16 14.00 13.33
C PRO A 125 13.34 14.99 12.52
N LEU A 126 13.02 14.62 11.28
CA LEU A 126 12.19 15.45 10.40
C LEU A 126 10.70 15.31 10.68
N LEU A 127 10.30 14.28 11.41
CA LEU A 127 8.88 14.00 11.63
C LEU A 127 8.55 13.86 13.11
N ASP A 128 9.12 14.73 13.94
CA ASP A 128 8.97 14.55 15.40
C ASP A 128 7.53 14.71 15.93
N ASP A 129 6.65 15.34 15.16
CA ASP A 129 5.24 15.46 15.52
C ASP A 129 4.34 14.32 14.99
N PHE A 130 4.96 13.35 14.32
CA PHE A 130 4.23 12.23 13.72
C PHE A 130 4.28 11.00 14.62
N ASP A 131 3.13 10.32 14.71
CA ASP A 131 3.01 9.03 15.42
C ASP A 131 3.67 7.95 14.60
N ILE A 132 4.45 7.09 15.27
CA ILE A 132 5.15 6.00 14.57
C ILE A 132 4.55 4.65 14.88
N GLU A 133 4.22 3.90 13.83
CA GLU A 133 3.74 2.54 13.95
C GLU A 133 4.59 1.64 13.08
N LEU A 134 5.02 0.50 13.62
CA LEU A 134 5.86 -0.42 12.87
C LEU A 134 5.09 -1.69 12.59
N THR A 135 5.08 -2.08 11.32
CA THR A 135 4.42 -3.31 10.92
C THR A 135 5.42 -4.20 10.20
N GLU A 136 5.36 -5.51 10.47
CA GLU A 136 6.15 -6.46 9.70
C GLU A 136 5.28 -7.65 9.33
N ALA A 137 5.55 -8.22 8.15
CA ALA A 137 4.81 -9.39 7.69
C ALA A 137 5.80 -10.46 7.27
N HIS A 138 5.52 -11.70 7.67
CA HIS A 138 6.36 -12.83 7.30
C HIS A 138 5.48 -14.04 7.06
N HIS A 139 6.07 -15.06 6.45
CA HIS A 139 5.41 -16.33 6.15
C HIS A 139 4.81 -17.03 7.39
N ASN A 140 3.94 -18.02 7.16
CA ASN A 140 3.20 -18.68 8.24
C ASN A 140 4.02 -19.68 9.08
N LYS A 141 5.29 -19.86 8.75
CA LYS A 141 6.17 -20.77 9.52
C LYS A 141 6.98 -20.04 10.59
N LYS A 142 7.01 -18.71 10.52
CA LYS A 142 7.78 -17.90 11.47
C LYS A 142 7.07 -17.82 12.82
N VAL A 143 7.79 -18.19 13.88
CA VAL A 143 7.22 -18.33 15.21
C VAL A 143 7.44 -17.08 16.07
N ASP A 144 8.68 -16.60 16.14
CA ASP A 144 8.99 -15.40 16.90
C ASP A 144 8.33 -14.16 16.32
N ALA A 145 7.93 -13.24 17.20
CA ALA A 145 7.41 -11.93 16.79
C ALA A 145 7.69 -10.88 17.87
N PRO A 146 8.06 -9.64 17.46
CA PRO A 146 8.24 -9.19 16.08
C PRO A 146 9.56 -9.68 15.48
N SER A 147 9.74 -9.45 14.18
CA SER A 147 10.96 -9.84 13.49
C SER A 147 12.16 -9.08 14.06
N GLY A 148 13.35 -9.67 13.91
CA GLY A 148 14.59 -8.99 14.29
C GLY A 148 14.79 -7.70 13.52
N THR A 149 14.29 -7.66 12.28
CA THR A 149 14.41 -6.45 11.47
C THR A 149 13.55 -5.31 12.03
N LEU A 150 12.32 -5.61 12.41
CA LEU A 150 11.48 -4.63 13.10
C LEU A 150 12.17 -4.11 14.36
N GLU A 151 12.75 -5.02 15.16
CA GLU A 151 13.48 -4.60 16.36
C GLU A 151 14.63 -3.64 16.03
N LYS A 152 15.31 -3.90 14.92
CA LYS A 152 16.43 -3.04 14.48
C LYS A 152 15.93 -1.63 14.11
N LEU A 153 14.78 -1.58 13.44
CA LEU A 153 14.16 -0.30 13.09
C LEU A 153 13.72 0.44 14.35
N TYR A 154 13.13 -0.30 15.29
CA TYR A 154 12.72 0.25 16.57
C TYR A 154 13.94 0.82 17.32
N ASP A 155 15.04 0.08 17.30
CA ASP A 155 16.29 0.54 17.95
C ASP A 155 16.79 1.85 17.34
N VAL A 156 16.67 1.98 16.01
CA VAL A 156 17.04 3.23 15.33
C VAL A 156 16.21 4.39 15.86
N ILE A 157 14.89 4.19 15.97
CA ILE A 157 13.99 5.21 16.49
C ILE A 157 14.33 5.59 17.94
N VAL A 158 14.56 4.59 18.78
CA VAL A 158 14.95 4.81 20.19
C VAL A 158 16.19 5.71 20.31
N SER A 159 17.17 5.50 19.44
CA SER A 159 18.40 6.31 19.46
C SER A 159 18.15 7.77 19.11
N LEU A 160 17.03 8.04 18.44
CA LEU A 160 16.73 9.37 17.90
C LEU A 160 15.51 10.03 18.53
N LYS A 161 14.83 9.29 19.41
CA LYS A 161 13.56 9.73 19.99
C LYS A 161 13.52 9.31 21.46
N GLU A 162 13.23 10.26 22.34
CA GLU A 162 13.27 10.02 23.77
C GLU A 162 11.99 9.38 24.31
N ASN A 163 12.16 8.53 25.33
CA ASN A 163 11.05 7.93 26.09
C ASN A 163 10.11 7.04 25.29
N VAL A 164 10.64 6.40 24.25
CA VAL A 164 9.84 5.49 23.41
C VAL A 164 9.29 4.32 24.24
N THR A 165 8.01 4.02 24.06
CA THR A 165 7.37 2.88 24.68
C THR A 165 6.71 2.01 23.60
N PRO A 166 7.00 0.71 23.61
CA PRO A 166 6.37 -0.16 22.63
C PRO A 166 4.95 -0.56 23.07
N VAL A 167 4.04 -0.64 22.11
CA VAL A 167 2.66 -1.06 22.39
C VAL A 167 2.32 -2.20 21.42
N TYR A 168 2.00 -3.36 22.00
CA TYR A 168 1.88 -4.59 21.22
C TYR A 168 0.46 -5.06 20.97
N ASP A 169 -0.44 -4.73 21.90
CA ASP A 169 -1.80 -5.21 21.82
C ASP A 169 -2.79 -4.22 22.40
N ARG A 170 -3.52 -3.57 21.50
CA ARG A 170 -4.52 -2.60 21.91
C ARG A 170 -5.87 -3.21 22.21
N HIS A 171 -6.09 -4.47 21.83
CA HIS A 171 -7.38 -5.11 22.06
C HIS A 171 -7.67 -5.17 23.56
N GLU A 172 -8.75 -4.51 23.95
CA GLU A 172 -9.22 -4.43 25.34
C GLU A 172 -8.25 -3.73 26.31
N LEU A 173 -7.27 -3.01 25.78
CA LEU A 173 -6.31 -2.24 26.59
C LEU A 173 -6.95 -0.97 27.11
N ASN A 174 -7.72 -0.31 26.24
CA ASN A 174 -8.54 0.85 26.60
C ASN A 174 -7.75 2.07 27.10
N GLU A 175 -6.58 2.27 26.50
CA GLU A 175 -5.77 3.45 26.74
C GLU A 175 -5.70 4.29 25.47
N LYS A 176 -5.56 5.61 25.61
CA LYS A 176 -5.36 6.47 24.46
CA LYS A 176 -5.36 6.47 24.46
C LYS A 176 -3.89 6.43 24.05
N ARG A 177 -3.65 6.47 22.74
CA ARG A 177 -2.29 6.53 22.24
C ARG A 177 -1.59 7.76 22.84
N GLN A 178 -0.30 7.59 23.15
CA GLN A 178 0.56 8.69 23.57
C GLN A 178 1.64 8.87 22.50
N PRO A 179 2.14 10.12 22.32
CA PRO A 179 3.02 10.36 21.17
C PRO A 179 4.32 9.55 21.20
N GLN A 180 4.73 9.15 22.40
CA GLN A 180 5.96 8.38 22.55
CA GLN A 180 5.95 8.37 22.61
C GLN A 180 5.77 6.88 22.33
N ASP A 181 4.51 6.45 22.21
CA ASP A 181 4.20 5.04 21.89
C ASP A 181 4.63 4.72 20.48
N ILE A 182 5.09 3.49 20.29
CA ILE A 182 5.27 2.93 18.96
C ILE A 182 4.51 1.61 18.90
N GLY A 183 3.43 1.61 18.13
CA GLY A 183 2.65 0.38 17.93
C GLY A 183 3.42 -0.59 17.08
N ILE A 184 3.40 -1.87 17.49
CA ILE A 184 4.17 -2.92 16.82
C ILE A 184 3.21 -4.04 16.40
N HIS A 185 3.31 -4.44 15.13
CA HIS A 185 2.33 -5.33 14.52
C HIS A 185 3.04 -6.41 13.73
N SER A 186 2.67 -7.67 13.97
CA SER A 186 3.29 -8.80 13.30
C SER A 186 2.27 -9.62 12.52
N ILE A 187 2.26 -9.43 11.21
CA ILE A 187 1.43 -10.18 10.30
C ILE A 187 2.11 -11.50 9.93
N ARG A 188 1.35 -12.59 10.01
CA ARG A 188 1.85 -13.90 9.59
C ARG A 188 0.91 -14.52 8.57
N GLY A 189 1.46 -14.98 7.45
CA GLY A 189 0.64 -15.70 6.49
C GLY A 189 1.39 -16.10 5.24
N GLY A 190 0.92 -17.19 4.64
CA GLY A 190 1.45 -17.68 3.38
C GLY A 190 2.96 -17.87 3.41
N THR A 191 3.62 -17.42 2.35
CA THR A 191 5.05 -17.64 2.18
C THR A 191 5.82 -16.31 2.14
N ILE A 192 5.18 -15.25 2.63
CA ILE A 192 5.74 -13.89 2.61
C ILE A 192 7.19 -13.89 3.07
N VAL A 193 8.10 -13.45 2.21
CA VAL A 193 9.53 -13.51 2.53
C VAL A 193 9.88 -12.52 3.66
N GLY A 194 9.30 -11.33 3.60
CA GLY A 194 9.49 -10.34 4.64
C GLY A 194 9.22 -8.93 4.16
N GLU A 195 8.29 -8.27 4.84
CA GLU A 195 7.91 -6.91 4.50
C GLU A 195 7.95 -6.11 5.78
N HIS A 196 8.55 -4.93 5.73
CA HIS A 196 8.63 -4.05 6.89
C HIS A 196 8.18 -2.65 6.53
N GLU A 197 7.24 -2.13 7.31
CA GLU A 197 6.68 -0.80 7.06
C GLU A 197 6.88 0.07 8.29
N VAL A 198 7.34 1.30 8.06
CA VAL A 198 7.30 2.33 9.10
C VAL A 198 6.24 3.33 8.69
N LEU A 199 5.24 3.50 9.54
CA LEU A 199 4.22 4.51 9.30
C LEU A 199 4.49 5.71 10.21
N PHE A 200 4.50 6.90 9.62
CA PHE A 200 4.51 8.16 10.37
C PHE A 200 3.18 8.83 10.10
N ALA A 201 2.36 8.98 11.14
CA ALA A 201 1.03 9.55 10.97
C ALA A 201 0.95 10.90 11.67
N GLY A 202 0.87 11.97 10.87
CA GLY A 202 0.76 13.34 11.39
C GLY A 202 -0.66 13.86 11.26
N THR A 203 -0.82 15.17 11.41
CA THR A 203 -2.15 15.79 11.28
C THR A 203 -2.55 15.85 9.79
N ASP A 204 -3.51 15.00 9.42
CA ASP A 204 -4.11 14.96 8.07
C ASP A 204 -3.15 14.50 6.96
N GLU A 205 -2.08 13.83 7.35
CA GLU A 205 -1.13 13.28 6.39
C GLU A 205 -0.35 12.11 6.99
N THR A 206 0.12 11.24 6.11
CA THR A 206 0.97 10.13 6.51
C THR A 206 2.17 10.01 5.58
N ILE A 207 3.26 9.47 6.11
CA ILE A 207 4.40 9.07 5.31
C ILE A 207 4.66 7.62 5.67
N GLN A 208 4.75 6.77 4.65
CA GLN A 208 5.07 5.36 4.85
C GLN A 208 6.36 5.05 4.14
N ILE A 209 7.23 4.29 4.81
CA ILE A 209 8.44 3.76 4.20
C ILE A 209 8.38 2.24 4.33
N THR A 210 8.47 1.54 3.20
CA THR A 210 8.21 0.11 3.16
C THR A 210 9.31 -0.62 2.41
N HIS A 211 9.91 -1.62 3.05
CA HIS A 211 10.84 -2.51 2.40
C HIS A 211 10.14 -3.85 2.19
N ARG A 212 10.23 -4.39 0.98
CA ARG A 212 9.65 -5.71 0.70
C ARG A 212 10.67 -6.61 0.03
N ALA A 213 10.94 -7.74 0.67
CA ALA A 213 11.86 -8.74 0.16
C ALA A 213 11.10 -9.78 -0.67
N GLN A 214 11.66 -10.11 -1.83
CA GLN A 214 11.06 -11.07 -2.75
C GLN A 214 11.73 -12.46 -2.63
N SER A 215 12.95 -12.47 -2.10
CA SER A 215 13.76 -13.69 -1.98
C SER A 215 14.79 -13.52 -0.88
N LYS A 216 15.13 -14.61 -0.21
CA LYS A 216 16.23 -14.59 0.76
C LYS A 216 17.60 -14.40 0.10
N ASP A 217 17.62 -14.40 -1.23
CA ASP A 217 18.83 -14.06 -1.99
C ASP A 217 19.35 -12.66 -1.65
N ILE A 218 18.48 -11.78 -1.16
CA ILE A 218 18.93 -10.43 -0.77
C ILE A 218 20.02 -10.48 0.31
N PHE A 219 19.93 -11.47 1.19
CA PHE A 219 20.90 -11.60 2.29
C PHE A 219 22.22 -12.17 1.78
N ALA A 220 22.12 -13.19 0.94
CA ALA A 220 23.29 -13.77 0.29
C ALA A 220 23.99 -12.75 -0.60
N ASN A 221 23.21 -12.05 -1.43
CA ASN A 221 23.74 -10.95 -2.25
C ASN A 221 24.35 -9.82 -1.44
N GLY A 222 23.74 -9.52 -0.29
CA GLY A 222 24.28 -8.48 0.60
C GLY A 222 25.64 -8.86 1.17
N ALA A 223 25.79 -10.13 1.54
CA ALA A 223 27.05 -10.64 2.08
C ALA A 223 28.14 -10.62 1.02
N ILE A 224 27.76 -10.94 -0.22
CA ILE A 224 28.69 -10.88 -1.35
C ILE A 224 29.11 -9.43 -1.63
N GLN A 225 28.13 -8.51 -1.64
CA GLN A 225 28.41 -7.08 -1.80
C GLN A 225 29.35 -6.57 -0.70
N ALA A 226 29.12 -6.99 0.54
CA ALA A 226 29.99 -6.61 1.65
C ALA A 226 31.41 -7.12 1.40
N ALA A 227 31.53 -8.39 0.97
CA ALA A 227 32.83 -9.00 0.69
C ALA A 227 33.58 -8.25 -0.41
N GLU A 228 32.87 -7.88 -1.47
CA GLU A 228 33.47 -7.14 -2.59
C GLU A 228 34.04 -5.80 -2.14
N ARG A 229 33.36 -5.14 -1.20
CA ARG A 229 33.81 -3.85 -0.69
C ARG A 229 34.91 -4.02 0.36
N LEU A 230 34.82 -5.10 1.15
CA LEU A 230 35.72 -5.36 2.28
C LEU A 230 37.17 -5.67 1.86
N VAL A 231 37.34 -6.33 0.72
CA VAL A 231 38.68 -6.68 0.24
C VAL A 231 39.50 -5.42 -0.10
N ASN A 232 38.81 -4.29 -0.26
CA ASN A 232 39.46 -3.02 -0.54
C ASN A 232 39.56 -2.10 0.67
N LYS A 233 39.46 -2.70 1.86
CA LYS A 233 39.52 -1.96 3.11
C LYS A 233 40.80 -2.21 3.88
N PRO A 234 41.27 -1.20 4.65
CA PRO A 234 42.33 -1.45 5.63
C PRO A 234 41.82 -2.30 6.78
N ASN A 235 42.72 -2.72 7.68
CA ASN A 235 42.29 -3.38 8.92
C ASN A 235 41.28 -2.51 9.69
N GLY A 236 40.36 -3.17 10.39
CA GLY A 236 39.34 -2.49 11.17
C GLY A 236 38.03 -3.25 11.24
N PHE A 237 37.12 -2.76 12.09
CA PHE A 237 35.82 -3.39 12.28
C PHE A 237 34.75 -2.60 11.52
N TYR A 238 34.06 -3.29 10.60
CA TYR A 238 33.09 -2.64 9.73
C TYR A 238 31.69 -3.21 9.85
N THR A 239 30.71 -2.33 9.66
CA THR A 239 29.32 -2.71 9.46
C THR A 239 28.90 -1.93 8.21
N PHE A 240 27.64 -2.10 7.76
CA PHE A 240 27.19 -1.34 6.60
C PHE A 240 27.28 0.18 6.81
N ASP A 241 27.26 0.60 8.08
CA ASP A 241 27.33 2.02 8.45
C ASP A 241 28.65 2.71 8.06
N ASN A 242 29.76 1.96 8.13
CA ASN A 242 31.08 2.54 7.86
C ASN A 242 31.86 1.85 6.75
N LEU A 243 31.29 0.79 6.17
CA LEU A 243 31.96 0.07 5.08
C LEU A 243 32.17 0.98 3.87
N SER B 3 -4.78 35.81 18.57
CA SER B 3 -5.47 36.50 17.44
C SER B 3 -4.49 37.24 16.53
N MET B 4 -4.32 36.74 15.32
CA MET B 4 -3.60 37.44 14.25
C MET B 4 -4.59 38.09 13.32
N LYS B 5 -4.20 39.25 12.80
CA LYS B 5 -4.90 39.90 11.72
C LYS B 5 -4.15 39.53 10.44
N ILE B 6 -4.84 38.80 9.57
CA ILE B 6 -4.20 38.23 8.38
C ILE B 6 -4.64 38.97 7.14
N LEU B 7 -3.66 39.31 6.32
CA LEU B 7 -3.90 39.77 4.97
C LEU B 7 -3.75 38.58 4.02
N LEU B 8 -4.76 38.34 3.21
CA LEU B 8 -4.69 37.27 2.22
C LEU B 8 -4.24 37.83 0.88
N ILE B 9 -3.15 37.28 0.33
CA ILE B 9 -2.72 37.62 -1.03
C ILE B 9 -3.24 36.51 -1.94
N GLY B 10 -4.17 36.86 -2.82
CA GLY B 10 -4.89 35.87 -3.61
C GLY B 10 -6.09 35.35 -2.82
N TYR B 11 -7.18 35.06 -3.51
CA TYR B 11 -8.35 34.49 -2.87
C TYR B 11 -8.94 33.39 -3.74
N GLY B 12 -8.08 32.46 -4.14
CA GLY B 12 -8.50 31.24 -4.82
C GLY B 12 -8.93 30.21 -3.80
N ALA B 13 -9.09 28.96 -4.24
CA ALA B 13 -9.58 27.90 -3.36
C ALA B 13 -8.74 27.78 -2.08
N MET B 14 -7.43 27.93 -2.21
CA MET B 14 -6.56 27.73 -1.06
C MET B 14 -6.70 28.82 0.02
N ASN B 15 -6.64 30.09 -0.38
CA ASN B 15 -6.85 31.15 0.63
C ASN B 15 -8.28 31.26 1.15
N GLN B 16 -9.24 30.73 0.38
CA GLN B 16 -10.61 30.61 0.85
C GLN B 16 -10.64 29.64 2.02
N ARG B 17 -9.90 28.55 1.87
CA ARG B 17 -9.72 27.56 2.94
C ARG B 17 -8.95 28.15 4.13
N VAL B 18 -7.87 28.88 3.84
CA VAL B 18 -7.12 29.57 4.89
C VAL B 18 -8.06 30.47 5.70
N ALA B 19 -8.92 31.23 5.02
CA ALA B 19 -9.86 32.14 5.68
C ALA B 19 -10.77 31.40 6.67
N ARG B 20 -11.37 30.32 6.20
CA ARG B 20 -12.31 29.51 6.98
CA ARG B 20 -12.30 29.48 6.97
C ARG B 20 -11.60 28.94 8.22
N LEU B 21 -10.43 28.35 8.01
CA LEU B 21 -9.67 27.73 9.11
C LEU B 21 -9.08 28.76 10.06
N ALA B 22 -8.63 29.89 9.52
CA ALA B 22 -8.10 30.98 10.34
C ALA B 22 -9.18 31.56 11.25
N GLU B 23 -10.38 31.76 10.70
CA GLU B 23 -11.50 32.29 11.48
C GLU B 23 -11.98 31.31 12.54
N GLU B 24 -11.88 30.02 12.22
CA GLU B 24 -12.22 28.95 13.16
C GLU B 24 -11.28 29.00 14.36
N LYS B 25 -10.03 29.37 14.09
CA LYS B 25 -8.98 29.49 15.10
C LYS B 25 -9.05 30.81 15.87
N GLY B 26 -9.94 31.71 15.45
CA GLY B 26 -10.10 33.00 16.13
C GLY B 26 -9.31 34.15 15.52
N HIS B 27 -8.58 33.88 14.44
CA HIS B 27 -7.87 34.94 13.70
C HIS B 27 -8.87 35.76 12.89
N GLU B 28 -8.42 36.92 12.43
CA GLU B 28 -9.27 37.80 11.66
C GLU B 28 -8.64 38.09 10.32
N ILE B 29 -9.44 38.00 9.27
CA ILE B 29 -9.01 38.37 7.92
C ILE B 29 -9.32 39.85 7.75
N VAL B 30 -8.27 40.67 7.70
CA VAL B 30 -8.43 42.12 7.67
C VAL B 30 -8.32 42.68 6.25
N GLY B 31 -8.09 41.81 5.28
CA GLY B 31 -7.90 42.29 3.92
C GLY B 31 -7.55 41.21 2.92
N VAL B 32 -7.86 41.49 1.67
CA VAL B 32 -7.50 40.63 0.56
C VAL B 32 -6.90 41.49 -0.56
N ILE B 33 -5.87 40.96 -1.20
CA ILE B 33 -5.34 41.55 -2.43
C ILE B 33 -5.50 40.49 -3.52
N GLU B 34 -6.34 40.78 -4.51
CA GLU B 34 -6.56 39.89 -5.64
C GLU B 34 -6.07 40.57 -6.90
N ASN B 35 -5.65 39.77 -7.89
CA ASN B 35 -5.27 40.34 -9.18
C ASN B 35 -6.47 40.96 -9.87
N THR B 36 -7.61 40.26 -9.78
CA THR B 36 -8.88 40.80 -10.23
C THR B 36 -9.88 40.61 -9.09
N PRO B 37 -10.23 41.71 -8.39
CA PRO B 37 -11.12 41.62 -7.23
C PRO B 37 -12.51 41.09 -7.60
N LYS B 38 -13.04 40.24 -6.73
CA LYS B 38 -14.35 39.62 -6.96
C LYS B 38 -15.36 40.10 -5.93
N ALA B 39 -16.59 40.34 -6.38
CA ALA B 39 -17.68 40.77 -5.51
C ALA B 39 -18.01 39.70 -4.46
N THR B 40 -17.80 38.45 -4.83
CA THR B 40 -18.08 37.31 -3.97
C THR B 40 -17.05 37.13 -2.85
N THR B 41 -15.99 37.95 -2.88
CA THR B 41 -14.96 37.94 -1.85
C THR B 41 -15.41 38.80 -0.66
N PRO B 42 -15.68 38.16 0.49
CA PRO B 42 -16.34 38.82 1.61
C PRO B 42 -15.37 39.55 2.56
N TYR B 43 -14.30 40.11 2.02
CA TYR B 43 -13.35 40.88 2.81
C TYR B 43 -12.97 42.16 2.08
N GLN B 44 -12.41 43.11 2.82
CA GLN B 44 -12.03 44.40 2.25
C GLN B 44 -10.89 44.20 1.25
N GLN B 45 -11.10 44.67 0.03
CA GLN B 45 -10.09 44.58 -1.03
C GLN B 45 -9.07 45.72 -0.93
N TYR B 46 -7.81 45.38 -1.17
CA TYR B 46 -6.71 46.34 -1.20
C TYR B 46 -5.84 46.08 -2.43
N GLN B 47 -4.99 47.05 -2.76
CA GLN B 47 -4.04 46.91 -3.86
CA GLN B 47 -4.05 46.92 -3.86
C GLN B 47 -2.60 46.95 -3.37
N HIS B 48 -2.40 47.38 -2.14
CA HIS B 48 -1.06 47.53 -1.58
C HIS B 48 -1.02 47.10 -0.13
N ILE B 49 0.01 46.34 0.23
CA ILE B 49 0.18 45.80 1.58
C ILE B 49 0.27 46.94 2.60
N ALA B 50 0.93 48.03 2.21
CA ALA B 50 1.09 49.20 3.07
C ALA B 50 -0.24 49.84 3.49
N ASP B 51 -1.29 49.60 2.72
CA ASP B 51 -2.61 50.19 2.99
C ASP B 51 -3.43 49.42 4.01
N VAL B 52 -3.06 48.16 4.23
CA VAL B 52 -3.80 47.26 5.12
C VAL B 52 -3.47 47.54 6.59
N LYS B 53 -4.19 48.51 7.15
CA LYS B 53 -4.02 48.94 8.53
C LYS B 53 -4.22 47.78 9.50
N GLY B 54 -3.19 47.56 10.33
CA GLY B 54 -3.29 46.59 11.41
C GLY B 54 -3.01 45.14 11.06
N ALA B 55 -2.66 44.85 9.81
CA ALA B 55 -2.28 43.48 9.45
C ALA B 55 -1.04 43.05 10.25
N ASP B 56 -1.05 41.80 10.69
CA ASP B 56 0.08 41.19 11.40
C ASP B 56 0.95 40.32 10.49
N VAL B 57 0.33 39.79 9.44
CA VAL B 57 0.97 38.82 8.55
C VAL B 57 0.19 38.73 7.24
N ALA B 58 0.89 38.39 6.16
CA ALA B 58 0.26 38.06 4.89
C ALA B 58 0.46 36.59 4.56
N ILE B 59 -0.59 35.95 4.07
CA ILE B 59 -0.51 34.59 3.58
C ILE B 59 -0.77 34.61 2.08
N ASP B 60 0.18 34.08 1.32
CA ASP B 60 0.24 34.24 -0.12
C ASP B 60 0.49 32.89 -0.82
N PHE B 61 -0.58 32.29 -1.33
CA PHE B 61 -0.42 31.16 -2.25
C PHE B 61 -0.28 31.76 -3.64
N SER B 62 0.97 31.90 -4.06
CA SER B 62 1.31 32.76 -5.18
C SER B 62 1.18 32.05 -6.51
N ASN B 63 1.03 32.87 -7.55
CA ASN B 63 1.22 32.46 -8.94
C ASN B 63 1.69 33.74 -9.65
N PRO B 64 2.12 33.65 -10.93
CA PRO B 64 2.66 34.85 -11.58
C PRO B 64 1.77 36.10 -11.54
N ASN B 65 0.45 35.91 -11.47
CA ASN B 65 -0.51 37.02 -11.42
C ASN B 65 -0.65 37.67 -10.03
N LEU B 66 0.02 37.08 -9.04
CA LEU B 66 -0.02 37.62 -7.68
C LEU B 66 1.34 38.10 -7.20
N LEU B 67 2.33 38.16 -8.07
CA LEU B 67 3.63 38.71 -7.69
C LEU B 67 3.52 40.21 -7.37
N PHE B 68 2.56 40.90 -7.99
CA PHE B 68 2.55 42.37 -7.97
C PHE B 68 2.66 43.05 -6.59
N PRO B 69 1.90 42.59 -5.56
CA PRO B 69 2.03 43.37 -4.32
C PRO B 69 3.41 43.25 -3.69
N LEU B 70 4.15 42.21 -4.07
CA LEU B 70 5.50 42.01 -3.55
C LEU B 70 6.55 42.90 -4.22
N LEU B 71 6.13 43.67 -5.22
CA LEU B 71 7.03 44.57 -5.92
C LEU B 71 7.01 45.99 -5.33
N ASP B 72 6.13 46.24 -4.37
CA ASP B 72 6.12 47.54 -3.68
C ASP B 72 7.28 47.59 -2.70
N GLU B 73 7.77 48.80 -2.42
CA GLU B 73 8.94 48.99 -1.56
C GLU B 73 8.60 49.85 -0.34
N ASP B 74 7.30 49.96 -0.04
CA ASP B 74 6.83 50.84 1.03
C ASP B 74 6.12 50.10 2.16
N PHE B 75 6.37 48.80 2.28
CA PHE B 75 5.74 48.00 3.32
C PHE B 75 6.75 47.13 4.08
N HIS B 76 6.40 46.83 5.34
CA HIS B 76 7.13 45.90 6.20
C HIS B 76 6.09 45.01 6.87
N LEU B 77 6.06 43.73 6.49
CA LEU B 77 5.06 42.80 7.02
C LEU B 77 5.58 41.37 6.93
N PRO B 78 5.37 40.55 7.98
CA PRO B 78 5.70 39.12 7.86
C PRO B 78 4.92 38.47 6.71
N LEU B 79 5.65 37.80 5.82
CA LEU B 79 5.10 37.16 4.62
C LEU B 79 5.27 35.65 4.62
N VAL B 80 4.16 34.95 4.38
CA VAL B 80 4.15 33.49 4.26
C VAL B 80 3.78 33.21 2.81
N VAL B 81 4.75 32.68 2.05
CA VAL B 81 4.62 32.61 0.61
C VAL B 81 4.82 31.21 0.07
N ALA B 82 3.87 30.76 -0.75
CA ALA B 82 3.97 29.48 -1.44
C ALA B 82 3.86 29.68 -2.94
N THR B 83 4.49 28.77 -3.69
CA THR B 83 4.36 28.74 -5.15
C THR B 83 4.74 27.35 -5.68
N THR B 84 3.94 26.86 -6.63
CA THR B 84 4.07 25.49 -7.11
C THR B 84 4.74 25.44 -8.48
N GLY B 85 4.66 26.56 -9.20
CA GLY B 85 5.28 26.70 -10.49
C GLY B 85 6.71 27.17 -10.37
N GLU B 86 7.14 28.00 -11.33
CA GLU B 86 8.50 28.49 -11.39
C GLU B 86 8.70 29.53 -10.29
N LYS B 87 9.91 29.56 -9.71
CA LYS B 87 10.13 30.29 -8.47
C LYS B 87 11.28 31.31 -8.46
N GLU B 88 12.15 31.27 -9.46
CA GLU B 88 13.37 32.11 -9.46
C GLU B 88 13.06 33.59 -9.24
N LYS B 89 12.19 34.14 -10.08
CA LYS B 89 11.76 35.54 -10.01
C LYS B 89 11.21 35.88 -8.62
N LEU B 90 10.30 35.04 -8.14
CA LEU B 90 9.70 35.22 -6.82
C LEU B 90 10.74 35.18 -5.71
N LEU B 91 11.61 34.16 -5.74
CA LEU B 91 12.58 33.93 -4.69
C LEU B 91 13.64 35.03 -4.60
N ASN B 92 13.97 35.62 -5.76
CA ASN B 92 14.84 36.80 -5.82
C ASN B 92 14.22 37.98 -5.07
N LYS B 93 12.92 38.17 -5.29
CA LYS B 93 12.18 39.25 -4.63
C LYS B 93 12.01 39.00 -3.12
N LEU B 94 11.74 37.76 -2.76
CA LEU B 94 11.61 37.38 -1.35
C LEU B 94 12.91 37.60 -0.60
N ASP B 95 14.03 37.32 -1.25
CA ASP B 95 15.36 37.57 -0.69
C ASP B 95 15.52 39.05 -0.33
N GLU B 96 15.15 39.94 -1.25
CA GLU B 96 15.25 41.38 -1.04
C GLU B 96 14.34 41.86 0.09
N LEU B 97 13.10 41.35 0.10
CA LEU B 97 12.12 41.71 1.12
C LEU B 97 12.55 41.26 2.51
N SER B 98 13.20 40.10 2.57
CA SER B 98 13.63 39.50 3.84
C SER B 98 14.68 40.34 4.58
N GLN B 99 15.27 41.33 3.91
CA GLN B 99 16.20 42.24 4.58
C GLN B 99 15.47 43.22 5.50
N ASN B 100 14.15 43.34 5.32
CA ASN B 100 13.36 44.33 6.05
C ASN B 100 12.14 43.78 6.80
N MET B 101 11.92 42.47 6.70
CA MET B 101 10.78 41.84 7.33
C MET B 101 10.98 40.32 7.37
N PRO B 102 10.22 39.63 8.25
CA PRO B 102 10.28 38.17 8.22
C PRO B 102 9.57 37.62 6.97
N VAL B 103 10.24 36.70 6.28
CA VAL B 103 9.67 36.05 5.08
C VAL B 103 9.84 34.53 5.19
N PHE B 104 8.72 33.82 5.11
CA PHE B 104 8.73 32.36 5.08
C PHE B 104 8.30 31.85 3.71
N PHE B 105 9.09 30.95 3.14
CA PHE B 105 8.73 30.31 1.88
C PHE B 105 8.62 28.79 1.99
N SER B 106 7.57 28.25 1.38
CA SER B 106 7.45 26.81 1.14
C SER B 106 6.63 26.62 -0.13
N ALA B 107 7.13 25.80 -1.05
CA ALA B 107 6.44 25.56 -2.31
C ALA B 107 4.99 25.10 -2.10
N ASN B 108 4.79 24.20 -1.15
CA ASN B 108 3.48 23.59 -0.93
C ASN B 108 2.82 23.96 0.40
N MET B 109 3.59 24.49 1.33
CA MET B 109 3.11 24.84 2.67
C MET B 109 2.78 23.63 3.52
N SER B 110 3.32 22.48 3.15
CA SER B 110 3.17 21.27 3.94
C SER B 110 4.51 20.86 4.49
N TYR B 111 4.66 20.91 5.81
CA TYR B 111 5.86 20.40 6.45
C TYR B 111 6.11 18.93 6.10
N GLY B 112 5.04 18.14 6.03
CA GLY B 112 5.12 16.73 5.66
C GLY B 112 5.69 16.51 4.26
N VAL B 113 5.24 17.30 3.29
CA VAL B 113 5.72 17.18 1.92
C VAL B 113 7.19 17.62 1.86
N HIS B 114 7.52 18.66 2.61
CA HIS B 114 8.89 19.13 2.72
C HIS B 114 9.80 18.00 3.24
N ALA B 115 9.34 17.32 4.28
CA ALA B 115 10.08 16.19 4.85
C ALA B 115 10.24 15.07 3.85
N LEU B 116 9.16 14.76 3.13
CA LEU B 116 9.20 13.77 2.05
C LEU B 116 10.37 14.01 1.09
N THR B 117 10.54 15.27 0.69
CA THR B 117 11.60 15.61 -0.27
C THR B 117 12.98 15.37 0.33
N LYS B 118 13.14 15.68 1.61
CA LYS B 118 14.41 15.47 2.31
C LYS B 118 14.71 13.98 2.55
N ILE B 119 13.66 13.21 2.85
CA ILE B 119 13.78 11.76 3.01
C ILE B 119 14.20 11.14 1.67
N LEU B 120 13.53 11.57 0.59
CA LEU B 120 13.91 11.17 -0.76
C LEU B 120 15.37 11.50 -1.04
N ALA B 121 15.79 12.71 -0.69
CA ALA B 121 17.17 13.14 -0.91
C ALA B 121 18.18 12.22 -0.20
N ALA B 122 17.83 11.77 1.00
CA ALA B 122 18.69 10.83 1.73
C ALA B 122 18.70 9.44 1.08
N ALA B 123 17.55 9.03 0.54
CA ALA B 123 17.37 7.71 -0.05
C ALA B 123 18.15 7.51 -1.36
N VAL B 124 18.15 8.53 -2.23
CA VAL B 124 18.69 8.38 -3.58
C VAL B 124 20.15 7.86 -3.65
N PRO B 125 21.09 8.51 -2.93
CA PRO B 125 22.48 8.04 -3.03
C PRO B 125 22.69 6.64 -2.43
N LEU B 126 21.81 6.23 -1.51
CA LEU B 126 21.90 4.91 -0.90
C LEU B 126 21.42 3.82 -1.84
N LEU B 127 20.58 4.20 -2.80
CA LEU B 127 19.88 3.23 -3.64
C LEU B 127 20.26 3.39 -5.11
N ASP B 128 21.56 3.52 -5.36
CA ASP B 128 22.13 3.66 -6.70
C ASP B 128 21.74 2.56 -7.69
N ASP B 129 21.67 1.33 -7.19
CA ASP B 129 21.39 0.17 -8.04
C ASP B 129 19.90 -0.14 -8.14
N PHE B 130 19.06 0.83 -7.77
CA PHE B 130 17.61 0.63 -7.78
C PHE B 130 16.98 1.48 -8.88
N ASP B 131 16.02 0.90 -9.59
CA ASP B 131 15.20 1.63 -10.56
C ASP B 131 14.17 2.48 -9.82
N ILE B 132 14.00 3.72 -10.28
CA ILE B 132 13.05 4.64 -9.65
C ILE B 132 11.81 4.81 -10.51
N GLU B 133 10.64 4.66 -9.89
CA GLU B 133 9.36 4.95 -10.52
C GLU B 133 8.55 5.88 -9.64
N LEU B 134 7.94 6.89 -10.25
CA LEU B 134 7.19 7.89 -9.51
C LEU B 134 5.72 7.82 -9.87
N THR B 135 4.87 7.72 -8.86
CA THR B 135 3.43 7.67 -9.03
C THR B 135 2.77 8.74 -8.18
N GLU B 136 1.76 9.40 -8.72
CA GLU B 136 0.92 10.29 -7.93
C GLU B 136 -0.53 10.01 -8.25
N ALA B 137 -1.39 10.21 -7.26
CA ALA B 137 -2.83 10.00 -7.38
C ALA B 137 -3.54 11.22 -6.86
N HIS B 138 -4.50 11.72 -7.64
CA HIS B 138 -5.30 12.89 -7.27
C HIS B 138 -6.74 12.68 -7.72
N HIS B 139 -7.61 13.52 -7.20
CA HIS B 139 -9.05 13.51 -7.48
C HIS B 139 -9.36 13.68 -8.98
N ASN B 140 -10.58 13.36 -9.37
CA ASN B 140 -10.95 13.34 -10.80
C ASN B 140 -11.16 14.72 -11.42
N LYS B 141 -10.99 15.77 -10.61
CA LYS B 141 -11.12 17.13 -11.11
C LYS B 141 -9.78 17.72 -11.51
N LYS B 142 -8.68 17.06 -11.11
CA LYS B 142 -7.35 17.54 -11.45
C LYS B 142 -7.05 17.28 -12.92
N VAL B 143 -6.66 18.35 -13.61
CA VAL B 143 -6.48 18.29 -15.05
C VAL B 143 -5.02 18.11 -15.47
N ASP B 144 -4.12 18.89 -14.86
CA ASP B 144 -2.69 18.79 -15.18
C ASP B 144 -2.10 17.46 -14.70
N ALA B 145 -1.14 16.93 -15.46
CA ALA B 145 -0.39 15.75 -15.05
C ALA B 145 1.03 15.79 -15.63
N PRO B 146 2.03 15.38 -14.84
CA PRO B 146 1.91 14.94 -13.45
C PRO B 146 1.77 16.15 -12.50
N SER B 147 1.47 15.87 -11.24
CA SER B 147 1.34 16.93 -10.24
C SER B 147 2.65 17.68 -10.05
N GLY B 148 2.55 18.93 -9.61
CA GLY B 148 3.72 19.76 -9.30
C GLY B 148 4.58 19.14 -8.21
N THR B 149 3.95 18.48 -7.24
CA THR B 149 4.68 17.76 -6.20
C THR B 149 5.50 16.59 -6.76
N LEU B 150 4.95 15.83 -7.69
CA LEU B 150 5.75 14.81 -8.37
C LEU B 150 6.95 15.42 -9.10
N GLU B 151 6.71 16.53 -9.80
CA GLU B 151 7.79 17.22 -10.50
C GLU B 151 8.88 17.67 -9.52
N LYS B 152 8.46 18.12 -8.34
CA LYS B 152 9.37 18.52 -7.27
C LYS B 152 10.25 17.34 -6.84
N LEU B 153 9.64 16.17 -6.65
CA LEU B 153 10.36 14.95 -6.30
C LEU B 153 11.31 14.55 -7.43
N TYR B 154 10.83 14.61 -8.65
CA TYR B 154 11.64 14.32 -9.83
C TYR B 154 12.88 15.23 -9.88
N ASP B 155 12.67 16.51 -9.61
CA ASP B 155 13.75 17.50 -9.62
C ASP B 155 14.83 17.21 -8.57
N VAL B 156 14.40 16.75 -7.39
CA VAL B 156 15.32 16.33 -6.33
C VAL B 156 16.22 15.19 -6.84
N ILE B 157 15.62 14.20 -7.46
CA ILE B 157 16.35 13.05 -8.01
C ILE B 157 17.33 13.47 -9.11
N VAL B 158 16.88 14.33 -10.02
CA VAL B 158 17.75 14.86 -11.07
C VAL B 158 19.00 15.53 -10.49
N SER B 159 18.85 16.21 -9.36
CA SER B 159 19.97 16.92 -8.74
C SER B 159 21.00 15.99 -8.11
N LEU B 160 20.61 14.72 -7.91
CA LEU B 160 21.46 13.74 -7.24
C LEU B 160 21.90 12.58 -8.14
N LYS B 161 21.51 12.63 -9.42
CA LYS B 161 21.92 11.64 -10.40
C LYS B 161 22.54 12.31 -11.61
N GLU B 162 23.41 11.59 -12.31
CA GLU B 162 24.06 12.14 -13.49
C GLU B 162 23.12 12.17 -14.69
N ASN B 163 22.35 11.10 -14.87
CA ASN B 163 21.45 10.96 -16.02
C ASN B 163 20.06 10.50 -15.61
N VAL B 164 19.05 11.25 -16.04
CA VAL B 164 17.65 10.91 -15.79
C VAL B 164 16.84 11.16 -17.07
N THR B 165 16.02 10.17 -17.45
CA THR B 165 15.09 10.33 -18.56
C THR B 165 13.67 10.01 -18.08
N PRO B 166 12.73 10.97 -18.22
CA PRO B 166 11.37 10.64 -17.80
C PRO B 166 10.68 9.76 -18.84
N VAL B 167 9.92 8.78 -18.38
CA VAL B 167 9.20 7.88 -19.27
C VAL B 167 7.73 7.93 -18.89
N TYR B 168 6.89 8.32 -19.85
CA TYR B 168 5.48 8.61 -19.54
C TYR B 168 4.50 7.57 -20.05
N ASP B 169 4.81 6.90 -21.15
CA ASP B 169 3.86 5.98 -21.77
C ASP B 169 4.53 4.78 -22.43
N ARG B 170 4.66 3.70 -21.66
CA ARG B 170 5.28 2.47 -22.13
C ARG B 170 4.39 1.70 -23.11
N HIS B 171 3.09 1.99 -23.09
CA HIS B 171 2.18 1.41 -24.08
C HIS B 171 2.47 1.94 -25.48
N GLU B 172 2.78 3.23 -25.57
CA GLU B 172 3.07 3.88 -26.85
C GLU B 172 4.49 3.58 -27.31
N LEU B 173 5.41 3.56 -26.35
CA LEU B 173 6.84 3.44 -26.60
C LEU B 173 7.25 2.03 -27.00
N ASN B 174 6.82 1.03 -26.20
CA ASN B 174 7.22 -0.37 -26.39
C ASN B 174 8.74 -0.55 -26.50
N GLU B 175 9.46 0.04 -25.54
CA GLU B 175 10.91 -0.12 -25.44
C GLU B 175 11.27 -0.67 -24.06
N LYS B 176 12.30 -1.51 -24.00
CA LYS B 176 12.79 -2.05 -22.72
C LYS B 176 13.33 -0.92 -21.85
N ARG B 177 13.16 -1.06 -20.54
CA ARG B 177 13.63 -0.06 -19.58
C ARG B 177 15.13 0.12 -19.68
N GLN B 178 15.56 1.38 -19.62
CA GLN B 178 16.97 1.74 -19.53
C GLN B 178 17.21 2.26 -18.12
N PRO B 179 18.44 2.09 -17.60
CA PRO B 179 18.77 2.47 -16.21
C PRO B 179 18.53 3.94 -15.88
N GLN B 180 18.68 4.82 -16.87
CA GLN B 180 18.46 6.26 -16.66
C GLN B 180 16.97 6.61 -16.55
N ASP B 181 16.10 5.69 -16.97
CA ASP B 181 14.66 5.95 -17.03
C ASP B 181 14.03 6.11 -15.64
N ILE B 182 13.14 7.09 -15.53
CA ILE B 182 12.22 7.19 -14.39
C ILE B 182 10.79 7.24 -14.95
N GLY B 183 10.04 6.17 -14.71
CA GLY B 183 8.65 6.09 -15.14
C GLY B 183 7.79 7.03 -14.32
N ILE B 184 6.88 7.73 -14.99
CA ILE B 184 6.01 8.70 -14.31
C ILE B 184 4.58 8.28 -14.54
N HIS B 185 3.80 8.24 -13.47
CA HIS B 185 2.45 7.69 -13.47
C HIS B 185 1.49 8.62 -12.74
N SER B 186 0.37 8.92 -13.40
CA SER B 186 -0.61 9.85 -12.86
C SER B 186 -1.99 9.22 -12.74
N ILE B 187 -2.33 8.83 -11.52
CA ILE B 187 -3.63 8.22 -11.22
C ILE B 187 -4.64 9.33 -10.91
N ARG B 188 -5.82 9.24 -11.54
CA ARG B 188 -6.90 10.16 -11.26
C ARG B 188 -8.17 9.40 -10.91
N GLY B 189 -8.85 9.82 -9.86
CA GLY B 189 -10.10 9.18 -9.50
C GLY B 189 -10.69 9.77 -8.25
N GLY B 190 -12.02 9.78 -8.19
CA GLY B 190 -12.76 10.13 -6.99
C GLY B 190 -12.36 11.48 -6.43
N THR B 191 -12.21 11.56 -5.12
CA THR B 191 -11.86 12.82 -4.48
C THR B 191 -10.48 12.79 -3.81
N ILE B 192 -9.62 11.87 -4.26
CA ILE B 192 -8.27 11.67 -3.70
C ILE B 192 -7.55 13.01 -3.53
N VAL B 193 -7.21 13.35 -2.29
CA VAL B 193 -6.60 14.66 -2.00
C VAL B 193 -5.21 14.76 -2.62
N GLY B 194 -4.41 13.71 -2.48
CA GLY B 194 -3.08 13.70 -3.09
C GLY B 194 -2.16 12.69 -2.44
N GLU B 195 -1.72 11.73 -3.24
CA GLU B 195 -0.78 10.71 -2.80
C GLU B 195 0.42 10.72 -3.74
N HIS B 196 1.62 10.62 -3.19
CA HIS B 196 2.84 10.54 -4.00
C HIS B 196 3.69 9.39 -3.53
N GLU B 197 4.07 8.52 -4.46
CA GLU B 197 4.91 7.37 -4.14
C GLU B 197 6.20 7.41 -4.93
N VAL B 198 7.30 7.18 -4.24
CA VAL B 198 8.58 6.92 -4.89
C VAL B 198 8.85 5.44 -4.71
N LEU B 199 9.00 4.73 -5.83
CA LEU B 199 9.37 3.32 -5.78
C LEU B 199 10.83 3.18 -6.15
N PHE B 200 11.59 2.49 -5.30
CA PHE B 200 12.94 2.06 -5.60
C PHE B 200 12.92 0.54 -5.77
N ALA B 201 13.21 0.07 -6.98
CA ALA B 201 13.09 -1.37 -7.25
C ALA B 201 14.45 -1.96 -7.56
N GLY B 202 14.93 -2.83 -6.67
CA GLY B 202 16.24 -3.43 -6.81
C GLY B 202 16.17 -4.91 -7.12
N THR B 203 17.28 -5.61 -6.90
CA THR B 203 17.32 -7.05 -7.12
C THR B 203 16.65 -7.75 -5.94
N ASP B 204 15.47 -8.31 -6.18
CA ASP B 204 14.69 -9.09 -5.20
C ASP B 204 14.24 -8.28 -3.99
N GLU B 205 14.23 -6.96 -4.12
CA GLU B 205 13.72 -6.10 -3.04
C GLU B 205 13.28 -4.75 -3.56
N THR B 206 12.31 -4.14 -2.87
CA THR B 206 11.87 -2.81 -3.22
C THR B 206 11.79 -1.97 -1.96
N ILE B 207 11.96 -0.67 -2.13
CA ILE B 207 11.71 0.31 -1.07
C ILE B 207 10.73 1.31 -1.63
N GLN B 208 9.65 1.57 -0.87
CA GLN B 208 8.64 2.52 -1.26
C GLN B 208 8.53 3.61 -0.22
N ILE B 209 8.48 4.85 -0.67
CA ILE B 209 8.21 5.99 0.22
C ILE B 209 6.95 6.68 -0.28
N THR B 210 5.94 6.75 0.57
CA THR B 210 4.62 7.20 0.17
C THR B 210 4.10 8.29 1.11
N HIS B 211 3.76 9.44 0.54
CA HIS B 211 3.08 10.48 1.29
C HIS B 211 1.62 10.53 0.86
N ARG B 212 0.71 10.54 1.84
CA ARG B 212 -0.71 10.65 1.55
C ARG B 212 -1.33 11.79 2.34
N ALA B 213 -1.88 12.75 1.60
CA ALA B 213 -2.61 13.85 2.20
C ALA B 213 -4.06 13.45 2.39
N GLN B 214 -4.59 13.71 3.58
CA GLN B 214 -5.97 13.40 3.90
C GLN B 214 -6.93 14.55 3.60
N SER B 215 -6.38 15.76 3.56
CA SER B 215 -7.17 16.97 3.41
C SER B 215 -6.28 18.10 2.93
N LYS B 216 -6.83 18.95 2.07
CA LYS B 216 -6.14 20.17 1.67
C LYS B 216 -5.87 21.09 2.85
N ASP B 217 -6.47 20.80 4.00
CA ASP B 217 -6.19 21.51 5.25
C ASP B 217 -4.70 21.49 5.60
N ILE B 218 -3.97 20.45 5.19
CA ILE B 218 -2.54 20.41 5.52
C ILE B 218 -1.82 21.64 4.98
N PHE B 219 -2.20 22.07 3.77
CA PHE B 219 -1.58 23.22 3.15
C PHE B 219 -2.04 24.53 3.78
N ALA B 220 -3.35 24.64 4.01
CA ALA B 220 -3.90 25.86 4.57
C ALA B 220 -3.49 26.01 6.04
N ASN B 221 -3.60 24.94 6.82
CA ASN B 221 -3.10 24.95 8.20
C ASN B 221 -1.59 25.13 8.25
N GLY B 222 -0.89 24.56 7.26
CA GLY B 222 0.55 24.74 7.15
C GLY B 222 0.91 26.21 7.09
N ALA B 223 0.20 26.94 6.23
CA ALA B 223 0.39 28.38 6.07
C ALA B 223 0.05 29.18 7.35
N ILE B 224 -1.09 28.86 7.96
CA ILE B 224 -1.53 29.55 9.18
C ILE B 224 -0.53 29.34 10.32
N GLN B 225 -0.09 28.09 10.49
CA GLN B 225 0.86 27.73 11.54
C GLN B 225 2.20 28.42 11.32
N ALA B 226 2.66 28.42 10.07
CA ALA B 226 3.84 29.20 9.67
C ALA B 226 3.67 30.68 9.99
N ALA B 227 2.49 31.24 9.68
CA ALA B 227 2.18 32.64 10.01
C ALA B 227 2.20 32.91 11.54
N GLU B 228 1.50 32.06 12.30
CA GLU B 228 1.44 32.18 13.77
C GLU B 228 2.83 32.26 14.40
N ARG B 229 3.77 31.55 13.80
CA ARG B 229 5.14 31.50 14.28
C ARG B 229 5.94 32.69 13.79
N LEU B 230 5.78 33.02 12.50
CA LEU B 230 6.57 34.06 11.83
C LEU B 230 6.35 35.45 12.42
N VAL B 231 5.15 35.70 12.95
CA VAL B 231 4.87 37.01 13.52
C VAL B 231 5.77 37.33 14.71
N ASN B 232 6.30 36.29 15.35
CA ASN B 232 7.22 36.46 16.47
C ASN B 232 8.69 36.22 16.15
N LYS B 233 9.04 36.21 14.86
CA LYS B 233 10.44 36.07 14.42
C LYS B 233 11.05 37.41 14.04
N PRO B 234 12.40 37.52 14.15
CA PRO B 234 13.08 38.70 13.61
C PRO B 234 12.99 38.70 12.08
N ASN B 235 13.43 39.79 11.44
CA ASN B 235 13.50 39.85 9.97
C ASN B 235 14.37 38.74 9.41
N GLY B 236 14.23 38.47 8.11
CA GLY B 236 15.04 37.45 7.44
C GLY B 236 14.22 36.45 6.64
N PHE B 237 14.93 35.57 5.93
CA PHE B 237 14.32 34.53 5.11
C PHE B 237 14.26 33.19 5.85
N TYR B 238 13.08 32.58 5.87
CA TYR B 238 12.87 31.30 6.55
C TYR B 238 12.26 30.26 5.61
N THR B 239 12.68 29.02 5.77
CA THR B 239 12.03 27.88 5.15
C THR B 239 11.68 26.91 6.27
N PHE B 240 11.06 25.78 5.93
CA PHE B 240 10.77 24.76 6.95
C PHE B 240 12.04 24.25 7.64
N ASP B 241 13.18 24.35 6.97
CA ASP B 241 14.46 23.92 7.53
C ASP B 241 14.95 24.81 8.67
N ASN B 242 14.65 26.10 8.60
CA ASN B 242 15.18 27.02 9.62
C ASN B 242 14.18 27.98 10.26
N LEU B 243 12.88 27.81 10.02
CA LEU B 243 11.88 28.62 10.70
C LEU B 243 11.98 28.41 12.20
N SER C 3 -34.33 18.15 -5.79
CA SER C 3 -34.26 18.86 -4.48
C SER C 3 -35.14 18.19 -3.43
N MET C 4 -34.54 17.84 -2.29
CA MET C 4 -35.25 17.31 -1.15
C MET C 4 -35.31 18.34 -0.04
N LYS C 5 -36.43 18.34 0.69
CA LYS C 5 -36.55 19.11 1.91
C LYS C 5 -36.30 18.14 3.05
N ILE C 6 -35.24 18.41 3.80
CA ILE C 6 -34.73 17.45 4.79
C ILE C 6 -34.94 17.94 6.21
N LEU C 7 -35.46 17.05 7.04
CA LEU C 7 -35.54 17.28 8.48
C LEU C 7 -34.38 16.56 9.16
N LEU C 8 -33.65 17.26 10.02
CA LEU C 8 -32.53 16.64 10.72
C LEU C 8 -32.96 16.29 12.14
N ILE C 9 -32.88 15.00 12.47
CA ILE C 9 -33.11 14.56 13.85
C ILE C 9 -31.75 14.45 14.51
N GLY C 10 -31.51 15.32 15.48
CA GLY C 10 -30.20 15.53 16.05
C GLY C 10 -29.42 16.53 15.23
N TYR C 11 -28.56 17.28 15.91
CA TYR C 11 -27.66 18.20 15.23
C TYR C 11 -26.27 18.15 15.89
N GLY C 12 -25.77 16.92 16.04
CA GLY C 12 -24.40 16.68 16.47
C GLY C 12 -23.44 16.77 15.30
N ALA C 13 -22.23 16.28 15.47
CA ALA C 13 -21.21 16.37 14.42
C ALA C 13 -21.68 15.79 13.08
N MET C 14 -22.37 14.66 13.11
CA MET C 14 -22.76 13.97 11.88
C MET C 14 -23.82 14.70 11.08
N ASN C 15 -24.87 15.17 11.73
CA ASN C 15 -25.89 15.93 11.01
C ASN C 15 -25.44 17.35 10.60
N GLN C 16 -24.40 17.85 11.25
CA GLN C 16 -23.76 19.08 10.79
C GLN C 16 -23.08 18.86 9.45
N ARG C 17 -22.49 17.67 9.29
CA ARG C 17 -21.93 17.23 8.01
C ARG C 17 -23.04 17.07 7.00
N VAL C 18 -24.13 16.41 7.40
CA VAL C 18 -25.28 16.23 6.50
C VAL C 18 -25.78 17.59 6.00
N ALA C 19 -25.96 18.53 6.92
CA ALA C 19 -26.43 19.87 6.54
C ALA C 19 -25.57 20.51 5.45
N ARG C 20 -24.25 20.56 5.68
CA ARG C 20 -23.30 21.12 4.72
C ARG C 20 -23.38 20.42 3.35
N LEU C 21 -23.37 19.10 3.36
CA LEU C 21 -23.32 18.33 2.11
C LEU C 21 -24.64 18.35 1.35
N ALA C 22 -25.75 18.31 2.09
CA ALA C 22 -27.08 18.39 1.49
C ALA C 22 -27.27 19.72 0.76
N GLU C 23 -26.81 20.80 1.37
CA GLU C 23 -26.95 22.14 0.78
C GLU C 23 -26.09 22.27 -0.47
N GLU C 24 -24.91 21.66 -0.44
CA GLU C 24 -24.03 21.57 -1.60
C GLU C 24 -24.71 20.88 -2.78
N LYS C 25 -25.54 19.88 -2.47
CA LYS C 25 -26.23 19.08 -3.49
C LYS C 25 -27.53 19.73 -3.97
N GLY C 26 -27.89 20.85 -3.36
CA GLY C 26 -29.11 21.58 -3.75
C GLY C 26 -30.33 21.21 -2.94
N HIS C 27 -30.15 20.45 -1.87
CA HIS C 27 -31.24 20.13 -0.95
C HIS C 27 -31.38 21.26 0.07
N GLU C 28 -32.47 21.22 0.83
CA GLU C 28 -32.75 22.25 1.82
C GLU C 28 -33.05 21.62 3.16
N ILE C 29 -32.44 22.15 4.22
CA ILE C 29 -32.73 21.74 5.59
C ILE C 29 -33.90 22.56 6.11
N VAL C 30 -35.05 21.92 6.27
CA VAL C 30 -36.28 22.63 6.65
C VAL C 30 -36.58 22.59 8.15
N GLY C 31 -35.75 21.89 8.91
CA GLY C 31 -35.95 21.78 10.35
C GLY C 31 -34.94 20.90 11.03
N VAL C 32 -34.82 21.11 12.34
CA VAL C 32 -33.98 20.30 13.20
C VAL C 32 -34.81 19.96 14.43
N ILE C 33 -34.76 18.70 14.84
CA ILE C 33 -35.28 18.29 16.13
C ILE C 33 -34.11 17.83 16.99
N GLU C 34 -33.83 18.57 18.06
CA GLU C 34 -32.78 18.13 18.96
C GLU C 34 -33.18 18.12 20.42
N ASN C 35 -32.47 17.31 21.20
CA ASN C 35 -32.74 17.13 22.60
C ASN C 35 -32.44 18.42 23.36
N THR C 36 -31.31 19.05 23.03
CA THR C 36 -30.94 20.34 23.60
C THR C 36 -30.82 21.37 22.49
N PRO C 37 -31.93 22.03 22.14
CA PRO C 37 -31.92 23.02 21.05
C PRO C 37 -30.87 24.08 21.30
N LYS C 38 -29.93 24.19 20.36
CA LYS C 38 -28.78 25.07 20.54
C LYS C 38 -28.98 26.40 19.83
N ALA C 39 -28.61 27.48 20.52
CA ALA C 39 -28.41 28.77 19.87
C ALA C 39 -27.29 28.59 18.85
N THR C 40 -27.39 29.30 17.74
CA THR C 40 -26.43 29.19 16.63
C THR C 40 -26.62 27.94 15.74
N THR C 41 -27.62 27.10 16.06
CA THR C 41 -28.09 26.12 15.07
C THR C 41 -28.92 26.94 14.07
N PRO C 42 -28.43 27.05 12.83
CA PRO C 42 -28.98 28.02 11.87
C PRO C 42 -30.26 27.58 11.18
N TYR C 43 -30.98 26.63 11.78
CA TYR C 43 -32.22 26.12 11.20
C TYR C 43 -33.37 26.21 12.18
N GLN C 44 -34.58 26.14 11.65
CA GLN C 44 -35.80 26.20 12.44
C GLN C 44 -35.88 24.97 13.33
N GLN C 45 -36.13 25.20 14.62
CA GLN C 45 -36.16 24.12 15.61
C GLN C 45 -37.59 23.63 15.82
N TYR C 46 -37.75 22.32 15.96
CA TYR C 46 -39.07 21.72 16.20
C TYR C 46 -38.96 20.64 17.28
N GLN C 47 -40.11 20.21 17.79
CA GLN C 47 -40.14 19.12 18.77
C GLN C 47 -40.94 17.91 18.27
N HIS C 48 -41.61 18.09 17.13
CA HIS C 48 -42.41 17.04 16.50
C HIS C 48 -42.22 17.01 15.00
N ILE C 49 -42.04 15.81 14.45
CA ILE C 49 -41.91 15.61 13.01
C ILE C 49 -43.09 16.19 12.24
N ALA C 50 -44.29 15.99 12.77
CA ALA C 50 -45.51 16.46 12.10
C ALA C 50 -45.55 17.99 11.92
N ASP C 51 -44.83 18.72 12.77
CA ASP C 51 -44.81 20.18 12.71
C ASP C 51 -43.94 20.73 11.58
N VAL C 52 -43.07 19.88 11.04
CA VAL C 52 -42.16 20.26 9.95
C VAL C 52 -42.81 19.99 8.59
N LYS C 53 -43.70 20.87 8.17
CA LYS C 53 -44.36 20.69 6.87
C LYS C 53 -43.40 20.98 5.73
N GLY C 54 -43.57 20.27 4.63
CA GLY C 54 -42.68 20.41 3.48
C GLY C 54 -41.64 19.32 3.45
N ALA C 55 -41.27 18.80 4.62
CA ALA C 55 -40.24 17.76 4.72
C ALA C 55 -40.53 16.59 3.80
N ASP C 56 -39.50 16.15 3.07
CA ASP C 56 -39.60 14.97 2.20
C ASP C 56 -39.01 13.75 2.90
N VAL C 57 -38.12 14.00 3.84
CA VAL C 57 -37.33 12.94 4.47
C VAL C 57 -36.70 13.45 5.76
N ALA C 58 -36.46 12.53 6.70
CA ALA C 58 -35.68 12.84 7.90
C ALA C 58 -34.40 12.02 7.93
N ILE C 59 -33.32 12.66 8.32
CA ILE C 59 -32.05 11.97 8.51
C ILE C 59 -31.70 12.03 9.99
N ASP C 60 -31.48 10.85 10.56
CA ASP C 60 -31.40 10.66 12.01
C ASP C 60 -30.17 9.84 12.38
N PHE C 61 -29.09 10.52 12.77
CA PHE C 61 -27.96 9.84 13.39
C PHE C 61 -28.27 9.75 14.88
N SER C 62 -28.85 8.62 15.25
CA SER C 62 -29.55 8.48 16.51
C SER C 62 -28.66 8.20 17.72
N ASN C 63 -29.20 8.53 18.89
CA ASN C 63 -28.66 8.10 20.17
C ASN C 63 -29.88 7.98 21.10
N PRO C 64 -29.71 7.37 22.30
CA PRO C 64 -30.87 7.17 23.17
C PRO C 64 -31.73 8.42 23.45
N ASN C 65 -31.11 9.60 23.44
CA ASN C 65 -31.81 10.86 23.71
C ASN C 65 -32.57 11.42 22.50
N LEU C 66 -32.53 10.70 21.38
CA LEU C 66 -33.21 11.13 20.16
C LEU C 66 -34.31 10.16 19.73
N LEU C 67 -34.68 9.26 20.63
CA LEU C 67 -35.81 8.37 20.38
C LEU C 67 -37.14 9.11 20.36
N PHE C 68 -37.25 10.17 21.17
CA PHE C 68 -38.54 10.82 21.45
C PHE C 68 -39.42 11.21 20.23
N PRO C 69 -38.85 11.82 19.16
CA PRO C 69 -39.77 12.19 18.07
C PRO C 69 -40.36 10.98 17.33
N LEU C 70 -39.74 9.81 17.50
CA LEU C 70 -40.22 8.58 16.87
C LEU C 70 -41.38 7.93 17.63
N LEU C 71 -41.73 8.50 18.78
CA LEU C 71 -42.81 8.00 19.61
C LEU C 71 -44.14 8.69 19.30
N ASP C 72 -44.09 9.70 18.44
CA ASP C 72 -45.32 10.33 17.96
C ASP C 72 -46.01 9.40 16.96
N GLU C 73 -47.33 9.50 16.90
CA GLU C 73 -48.14 8.63 16.03
C GLU C 73 -48.88 9.40 14.95
N ASP C 74 -48.44 10.64 14.68
CA ASP C 74 -49.13 11.54 13.74
C ASP C 74 -48.29 11.98 12.55
N PHE C 75 -47.20 11.26 12.28
CA PHE C 75 -46.37 11.58 11.13
C PHE C 75 -46.22 10.38 10.20
N HIS C 76 -46.08 10.68 8.92
CA HIS C 76 -45.75 9.69 7.91
C HIS C 76 -44.69 10.37 7.06
N LEU C 77 -43.45 9.90 7.20
CA LEU C 77 -42.30 10.50 6.53
C LEU C 77 -41.19 9.47 6.33
N PRO C 78 -40.55 9.47 5.13
CA PRO C 78 -39.37 8.63 4.97
C PRO C 78 -38.31 8.92 6.03
N LEU C 79 -37.82 7.87 6.69
CA LEU C 79 -36.83 8.02 7.75
C LEU C 79 -35.53 7.28 7.39
N VAL C 80 -34.41 7.99 7.50
CA VAL C 80 -33.08 7.41 7.32
C VAL C 80 -32.41 7.46 8.69
N VAL C 81 -32.15 6.28 9.26
CA VAL C 81 -31.73 6.19 10.66
C VAL C 81 -30.45 5.36 10.81
N ALA C 82 -29.49 5.92 11.56
CA ALA C 82 -28.28 5.22 11.96
C ALA C 82 -28.13 5.27 13.47
N THR C 83 -27.47 4.26 14.04
CA THR C 83 -27.15 4.25 15.47
C THR C 83 -26.04 3.24 15.77
N THR C 84 -25.36 3.44 16.88
CA THR C 84 -24.33 2.50 17.35
C THR C 84 -24.72 1.97 18.74
N GLY C 85 -24.19 0.80 19.08
CA GLY C 85 -24.45 0.18 20.38
C GLY C 85 -25.87 -0.36 20.46
N GLU C 86 -26.58 0.00 21.53
CA GLU C 86 -27.96 -0.42 21.74
C GLU C 86 -28.86 -0.08 20.55
N LYS C 87 -29.51 -1.12 20.02
CA LYS C 87 -30.36 -0.98 18.83
C LYS C 87 -31.76 -1.56 19.04
N GLU C 88 -31.90 -2.48 19.99
CA GLU C 88 -33.13 -3.27 20.13
C GLU C 88 -34.40 -2.44 20.24
N LYS C 89 -34.42 -1.51 21.20
CA LYS C 89 -35.58 -0.63 21.39
C LYS C 89 -35.85 0.23 20.15
N LEU C 90 -34.79 0.80 19.59
CA LEU C 90 -34.92 1.62 18.38
C LEU C 90 -35.45 0.81 17.19
N LEU C 91 -34.87 -0.35 16.95
CA LEU C 91 -35.25 -1.22 15.84
C LEU C 91 -36.69 -1.72 15.95
N ASN C 92 -37.13 -1.98 17.18
CA ASN C 92 -38.52 -2.32 17.45
C ASN C 92 -39.46 -1.20 17.02
N LYS C 93 -39.06 0.05 17.32
CA LYS C 93 -39.85 1.22 16.94
C LYS C 93 -39.83 1.49 15.44
N LEU C 94 -38.65 1.35 14.83
CA LEU C 94 -38.52 1.49 13.38
C LEU C 94 -39.33 0.42 12.65
N ASP C 95 -39.33 -0.79 13.22
CA ASP C 95 -40.12 -1.90 12.73
C ASP C 95 -41.61 -1.51 12.67
N GLU C 96 -42.08 -0.85 13.73
CA GLU C 96 -43.46 -0.38 13.81
C GLU C 96 -43.73 0.73 12.80
N LEU C 97 -42.80 1.68 12.71
CA LEU C 97 -42.95 2.83 11.81
C LEU C 97 -42.92 2.42 10.33
N SER C 98 -42.16 1.36 10.02
CA SER C 98 -42.03 0.88 8.64
C SER C 98 -43.36 0.40 8.05
N GLN C 99 -44.33 0.11 8.90
CA GLN C 99 -45.67 -0.28 8.45
C GLN C 99 -46.42 0.86 7.75
N ASN C 100 -46.05 2.09 8.08
CA ASN C 100 -46.80 3.26 7.63
C ASN C 100 -46.01 4.27 6.80
N MET C 101 -44.70 4.04 6.69
CA MET C 101 -43.80 4.92 5.95
C MET C 101 -42.52 4.18 5.56
N PRO C 102 -41.75 4.72 4.60
CA PRO C 102 -40.47 4.11 4.27
C PRO C 102 -39.44 4.37 5.37
N VAL C 103 -38.80 3.31 5.86
CA VAL C 103 -37.80 3.42 6.91
C VAL C 103 -36.53 2.68 6.50
N PHE C 104 -35.42 3.41 6.50
CA PHE C 104 -34.10 2.86 6.17
C PHE C 104 -33.23 2.87 7.42
N PHE C 105 -32.65 1.72 7.73
CA PHE C 105 -31.72 1.62 8.84
C PHE C 105 -30.40 1.02 8.41
N SER C 106 -29.32 1.66 8.83
CA SER C 106 -28.00 1.08 8.72
C SER C 106 -27.13 1.64 9.82
N ALA C 107 -26.53 0.74 10.61
CA ALA C 107 -25.66 1.13 11.71
C ALA C 107 -24.47 1.92 11.17
N ASN C 108 -23.99 1.47 10.01
CA ASN C 108 -22.93 2.15 9.29
C ASN C 108 -23.52 2.69 7.98
N MET C 109 -23.44 4.00 7.79
CA MET C 109 -24.10 4.66 6.66
C MET C 109 -23.27 4.74 5.40
N SER C 110 -22.10 4.12 5.42
CA SER C 110 -21.23 4.13 4.25
C SER C 110 -21.64 3.05 3.27
N TYR C 111 -22.06 3.46 2.07
CA TYR C 111 -22.32 2.47 1.02
C TYR C 111 -21.02 1.74 0.64
N GLY C 112 -19.89 2.43 0.68
CA GLY C 112 -18.60 1.83 0.37
C GLY C 112 -18.27 0.67 1.29
N VAL C 113 -18.50 0.86 2.59
CA VAL C 113 -18.27 -0.19 3.58
C VAL C 113 -19.24 -1.38 3.36
N HIS C 114 -20.50 -1.07 3.04
CA HIS C 114 -21.44 -2.13 2.67
C HIS C 114 -20.91 -2.95 1.48
N ALA C 115 -20.49 -2.25 0.43
CA ALA C 115 -19.93 -2.91 -0.76
C ALA C 115 -18.68 -3.74 -0.40
N LEU C 116 -17.80 -3.18 0.42
CA LEU C 116 -16.62 -3.90 0.95
C LEU C 116 -16.99 -5.25 1.58
N THR C 117 -18.04 -5.26 2.42
CA THR C 117 -18.48 -6.51 3.05
C THR C 117 -18.95 -7.55 2.03
N LYS C 118 -19.63 -7.09 0.97
CA LYS C 118 -20.09 -7.99 -0.08
C LYS C 118 -18.93 -8.51 -0.93
N ILE C 119 -17.96 -7.64 -1.19
CA ILE C 119 -16.75 -8.01 -1.93
C ILE C 119 -15.96 -9.05 -1.12
N LEU C 120 -15.84 -8.82 0.19
CA LEU C 120 -15.20 -9.79 1.07
C LEU C 120 -15.94 -11.13 1.05
N ALA C 121 -17.27 -11.08 1.12
CA ALA C 121 -18.10 -12.28 1.09
C ALA C 121 -17.85 -13.10 -0.16
N ALA C 122 -17.67 -12.43 -1.30
CA ALA C 122 -17.36 -13.10 -2.55
C ALA C 122 -15.95 -13.70 -2.55
N ALA C 123 -15.01 -13.00 -1.90
CA ALA C 123 -13.60 -13.40 -1.89
C ALA C 123 -13.35 -14.62 -1.03
N VAL C 124 -14.01 -14.71 0.13
CA VAL C 124 -13.72 -15.75 1.11
C VAL C 124 -13.78 -17.20 0.56
N PRO C 125 -14.91 -17.61 -0.06
CA PRO C 125 -14.97 -19.00 -0.53
C PRO C 125 -13.97 -19.29 -1.65
N LEU C 126 -13.60 -18.27 -2.41
CA LEU C 126 -12.60 -18.41 -3.46
C LEU C 126 -11.19 -18.64 -2.90
N LEU C 127 -10.95 -18.13 -1.69
CA LEU C 127 -9.60 -18.10 -1.13
C LEU C 127 -9.48 -18.91 0.17
N ASP C 128 -10.20 -20.02 0.27
CA ASP C 128 -10.22 -20.78 1.52
C ASP C 128 -8.86 -21.42 1.91
N ASP C 129 -7.95 -21.57 0.95
CA ASP C 129 -6.60 -22.06 1.23
C ASP C 129 -5.63 -20.98 1.70
N PHE C 130 -6.05 -19.72 1.60
CA PHE C 130 -5.20 -18.58 1.94
C PHE C 130 -5.35 -18.22 3.41
N ASP C 131 -4.25 -17.80 4.04
CA ASP C 131 -4.27 -17.25 5.40
C ASP C 131 -4.86 -15.86 5.40
N ILE C 132 -5.74 -15.58 6.36
CA ILE C 132 -6.36 -14.26 6.48
C ILE C 132 -5.80 -13.48 7.67
N GLU C 133 -5.44 -12.23 7.42
CA GLU C 133 -5.02 -11.29 8.44
C GLU C 133 -5.81 -10.00 8.24
N LEU C 134 -6.33 -9.44 9.33
CA LEU C 134 -7.12 -8.22 9.27
C LEU C 134 -6.37 -7.07 9.92
N THR C 135 -6.31 -5.95 9.22
CA THR C 135 -5.68 -4.75 9.75
C THR C 135 -6.65 -3.58 9.65
N GLU C 136 -6.70 -2.77 10.70
CA GLU C 136 -7.41 -1.52 10.62
C GLU C 136 -6.51 -0.43 11.17
N ALA C 137 -6.62 0.76 10.60
CA ALA C 137 -5.91 1.93 11.11
C ALA C 137 -6.88 3.05 11.38
N HIS C 138 -6.67 3.74 12.49
CA HIS C 138 -7.51 4.88 12.87
C HIS C 138 -6.67 5.93 13.56
N HIS C 139 -7.25 7.12 13.67
CA HIS C 139 -6.64 8.26 14.35
C HIS C 139 -6.24 7.95 15.80
N ASN C 140 -5.39 8.81 16.34
CA ASN C 140 -4.81 8.57 17.66
C ASN C 140 -5.74 8.85 18.84
N LYS C 141 -6.96 9.29 18.55
CA LYS C 141 -7.97 9.50 19.58
C LYS C 141 -8.86 8.27 19.81
N LYS C 142 -8.79 7.29 18.90
CA LYS C 142 -9.63 6.10 19.02
C LYS C 142 -9.09 5.17 20.11
N VAL C 143 -9.96 4.82 21.04
CA VAL C 143 -9.55 4.03 22.21
C VAL C 143 -9.82 2.53 22.02
N ASP C 144 -11.05 2.18 21.63
CA ASP C 144 -11.40 0.76 21.45
C ASP C 144 -10.59 0.15 20.31
N ALA C 145 -10.19 -1.11 20.48
CA ALA C 145 -9.58 -1.87 19.40
C ALA C 145 -10.04 -3.33 19.49
N PRO C 146 -10.32 -3.96 18.34
CA PRO C 146 -10.30 -3.38 16.99
C PRO C 146 -11.55 -2.55 16.70
N SER C 147 -11.55 -1.87 15.55
CA SER C 147 -12.69 -1.11 15.11
C SER C 147 -13.93 -1.97 14.91
N GLY C 148 -15.10 -1.36 15.04
CA GLY C 148 -16.37 -2.02 14.73
C GLY C 148 -16.42 -2.55 13.30
N THR C 149 -15.87 -1.79 12.36
CA THR C 149 -15.81 -2.22 10.96
C THR C 149 -14.93 -3.47 10.78
N LEU C 150 -13.80 -3.54 11.47
CA LEU C 150 -12.99 -4.75 11.43
C LEU C 150 -13.81 -5.95 11.95
N GLU C 151 -14.49 -5.74 13.07
CA GLU C 151 -15.37 -6.76 13.65
C GLU C 151 -16.43 -7.23 12.66
N LYS C 152 -16.98 -6.30 11.90
CA LYS C 152 -18.00 -6.61 10.90
C LYS C 152 -17.41 -7.50 9.80
N LEU C 153 -16.19 -7.19 9.37
CA LEU C 153 -15.51 -7.98 8.34
C LEU C 153 -15.17 -9.37 8.87
N TYR C 154 -14.67 -9.40 10.10
CA TYR C 154 -14.42 -10.65 10.80
C TYR C 154 -15.67 -11.53 10.86
N ASP C 155 -16.82 -10.91 11.16
CA ASP C 155 -18.09 -11.65 11.21
C ASP C 155 -18.47 -12.26 9.87
N VAL C 156 -18.22 -11.52 8.78
CA VAL C 156 -18.47 -12.05 7.43
C VAL C 156 -17.65 -13.31 7.19
N ILE C 157 -16.37 -13.25 7.54
CA ILE C 157 -15.49 -14.41 7.43
C ILE C 157 -15.98 -15.59 8.28
N VAL C 158 -16.34 -15.30 9.53
CA VAL C 158 -16.84 -16.35 10.44
C VAL C 158 -18.06 -17.06 9.84
N SER C 159 -18.93 -16.30 9.19
CA SER C 159 -20.15 -16.87 8.59
C SER C 159 -19.82 -17.79 7.41
N LEU C 160 -18.62 -17.67 6.86
CA LEU C 160 -18.23 -18.44 5.67
C LEU C 160 -17.12 -19.45 5.94
N LYS C 161 -16.71 -19.55 7.21
CA LYS C 161 -15.68 -20.49 7.65
C LYS C 161 -16.22 -21.43 8.72
N GLU C 162 -15.65 -22.63 8.79
CA GLU C 162 -16.00 -23.55 9.87
C GLU C 162 -15.37 -23.11 11.18
N ASN C 163 -14.06 -22.90 11.17
CA ASN C 163 -13.32 -22.54 12.37
C ASN C 163 -12.53 -21.26 12.18
N VAL C 164 -12.67 -20.33 13.13
CA VAL C 164 -11.90 -19.08 13.13
C VAL C 164 -11.43 -18.81 14.54
N THR C 165 -10.16 -18.47 14.68
CA THR C 165 -9.59 -18.05 15.97
C THR C 165 -8.89 -16.72 15.79
N PRO C 166 -9.31 -15.69 16.55
CA PRO C 166 -8.67 -14.39 16.43
C PRO C 166 -7.33 -14.37 17.17
N VAL C 167 -6.31 -13.78 16.56
CA VAL C 167 -4.99 -13.68 17.18
C VAL C 167 -4.64 -12.20 17.29
N TYR C 168 -4.77 -11.67 18.50
CA TYR C 168 -4.66 -10.22 18.72
C TYR C 168 -3.26 -9.68 18.86
N ASP C 169 -2.32 -10.55 19.27
CA ASP C 169 -0.94 -10.12 19.52
C ASP C 169 0.01 -11.30 19.46
N ARG C 170 0.97 -11.22 18.53
CA ARG C 170 1.95 -12.29 18.37
C ARG C 170 3.24 -12.08 19.18
N HIS C 171 3.44 -10.86 19.71
CA HIS C 171 4.63 -10.57 20.50
C HIS C 171 4.82 -11.51 21.68
N GLU C 172 5.94 -12.22 21.70
CA GLU C 172 6.23 -13.23 22.73
C GLU C 172 5.15 -14.31 22.85
N LEU C 173 4.33 -14.48 21.82
CA LEU C 173 3.31 -15.54 21.83
C LEU C 173 3.99 -16.89 21.58
N ASN C 174 4.89 -16.89 20.60
CA ASN C 174 5.75 -18.04 20.31
C ASN C 174 4.99 -19.32 19.93
N GLU C 175 3.93 -19.14 19.16
CA GLU C 175 3.13 -20.25 18.66
C GLU C 175 3.19 -20.24 17.13
N LYS C 176 3.13 -21.42 16.54
CA LYS C 176 3.09 -21.54 15.09
C LYS C 176 1.68 -21.20 14.62
N ARG C 177 1.59 -20.43 13.55
CA ARG C 177 0.29 -20.10 12.97
C ARG C 177 -0.44 -21.41 12.62
N GLN C 178 -1.73 -21.45 12.93
CA GLN C 178 -2.61 -22.52 12.48
C GLN C 178 -3.62 -21.96 11.47
N PRO C 179 -4.11 -22.80 10.53
CA PRO C 179 -4.94 -22.30 9.42
C PRO C 179 -6.22 -21.57 9.84
N GLN C 180 -6.78 -21.93 10.99
CA GLN C 180 -7.98 -21.26 11.51
C GLN C 180 -7.72 -19.84 12.05
N ASP C 181 -6.44 -19.53 12.31
CA ASP C 181 -6.07 -18.23 12.90
C ASP C 181 -6.35 -17.09 11.95
N ILE C 182 -6.83 -15.98 12.51
CA ILE C 182 -6.88 -14.70 11.79
C ILE C 182 -6.24 -13.65 12.67
N GLY C 183 -5.09 -13.15 12.25
CA GLY C 183 -4.40 -12.10 12.97
C GLY C 183 -5.19 -10.81 12.86
N ILE C 184 -5.27 -10.10 13.99
CA ILE C 184 -6.02 -8.85 14.09
C ILE C 184 -5.03 -7.75 14.49
N HIS C 185 -5.00 -6.68 13.71
CA HIS C 185 -3.97 -5.65 13.85
C HIS C 185 -4.62 -4.28 13.85
N SER C 186 -4.39 -3.53 14.93
CA SER C 186 -5.01 -2.22 15.12
C SER C 186 -3.98 -1.12 15.17
N ILE C 187 -3.81 -0.45 14.03
CA ILE C 187 -2.90 0.69 13.91
C ILE C 187 -3.58 1.96 14.41
N ARG C 188 -2.87 2.72 15.24
CA ARG C 188 -3.36 4.01 15.72
C ARG C 188 -2.33 5.09 15.41
N GLY C 189 -2.79 6.19 14.84
CA GLY C 189 -1.90 7.33 14.64
C GLY C 189 -2.54 8.48 13.90
N GLY C 190 -2.04 9.67 14.18
CA GLY C 190 -2.46 10.86 13.46
C GLY C 190 -3.95 11.10 13.52
N THR C 191 -4.51 11.47 12.37
CA THR C 191 -5.92 11.78 12.24
C THR C 191 -6.58 10.81 11.24
N ILE C 192 -5.93 9.68 11.01
CA ILE C 192 -6.43 8.66 10.06
C ILE C 192 -7.93 8.41 10.28
N VAL C 193 -8.73 8.68 9.25
CA VAL C 193 -10.19 8.56 9.38
C VAL C 193 -10.63 7.09 9.55
N GLY C 194 -10.03 6.21 8.75
CA GLY C 194 -10.32 4.78 8.89
C GLY C 194 -9.94 4.01 7.64
N GLU C 195 -9.01 3.08 7.82
CA GLU C 195 -8.56 2.20 6.76
C GLU C 195 -8.73 0.76 7.24
N HIS C 196 -9.24 -0.10 6.36
CA HIS C 196 -9.42 -1.51 6.69
C HIS C 196 -8.85 -2.37 5.56
N GLU C 197 -8.00 -3.33 5.92
CA GLU C 197 -7.37 -4.22 4.94
C GLU C 197 -7.67 -5.67 5.30
N VAL C 198 -8.05 -6.45 4.29
CA VAL C 198 -8.12 -7.89 4.44
C VAL C 198 -6.99 -8.45 3.60
N LEU C 199 -6.05 -9.13 4.25
CA LEU C 199 -4.97 -9.79 3.53
C LEU C 199 -5.26 -11.29 3.43
N PHE C 200 -5.16 -11.81 2.21
CA PHE C 200 -5.23 -13.25 1.96
C PHE C 200 -3.84 -13.65 1.48
N ALA C 201 -3.15 -14.50 2.24
CA ALA C 201 -1.79 -14.88 1.90
C ALA C 201 -1.71 -16.34 1.51
N GLY C 202 -1.36 -16.60 0.26
CA GLY C 202 -1.25 -17.96 -0.23
C GLY C 202 0.19 -18.33 -0.56
N THR C 203 0.35 -19.32 -1.42
CA THR C 203 1.68 -19.79 -1.79
C THR C 203 2.29 -18.87 -2.85
N ASP C 204 3.19 -18.01 -2.38
CA ASP C 204 3.91 -17.05 -3.23
C ASP C 204 3.00 -16.02 -3.91
N GLU C 205 1.80 -15.85 -3.37
CA GLU C 205 0.90 -14.81 -3.83
C GLU C 205 0.00 -14.29 -2.71
N THR C 206 -0.30 -13.01 -2.76
CA THR C 206 -1.21 -12.42 -1.80
C THR C 206 -2.30 -11.66 -2.54
N ILE C 207 -3.48 -11.59 -1.95
CA ILE C 207 -4.54 -10.71 -2.40
C ILE C 207 -4.92 -9.83 -1.22
N GLN C 208 -4.97 -8.52 -1.47
CA GLN C 208 -5.34 -7.56 -0.44
C GLN C 208 -6.57 -6.80 -0.89
N ILE C 209 -7.51 -6.60 0.03
CA ILE C 209 -8.67 -5.78 -0.23
C ILE C 209 -8.67 -4.69 0.82
N THR C 210 -8.61 -3.44 0.37
CA THR C 210 -8.38 -2.31 1.25
C THR C 210 -9.40 -1.21 1.01
N HIS C 211 -10.08 -0.80 2.08
CA HIS C 211 -10.98 0.34 2.02
C HIS C 211 -10.36 1.45 2.85
N ARG C 212 -10.26 2.64 2.26
CA ARG C 212 -9.73 3.80 2.97
C ARG C 212 -10.71 4.95 2.92
N ALA C 213 -11.17 5.37 4.10
CA ALA C 213 -12.04 6.52 4.24
C ALA C 213 -11.21 7.79 4.33
N GLN C 214 -11.61 8.80 3.57
CA GLN C 214 -10.90 10.07 3.55
C GLN C 214 -11.49 11.09 4.52
N SER C 215 -12.77 10.90 4.85
CA SER C 215 -13.53 11.83 5.66
C SER C 215 -14.75 11.11 6.21
N LYS C 216 -15.21 11.52 7.40
CA LYS C 216 -16.46 11.03 7.93
C LYS C 216 -17.66 11.51 7.12
N ASP C 217 -17.42 12.39 6.16
CA ASP C 217 -18.45 12.76 5.20
C ASP C 217 -19.00 11.54 4.46
N ILE C 218 -18.23 10.45 4.39
CA ILE C 218 -18.75 9.23 3.73
C ILE C 218 -20.05 8.75 4.38
N PHE C 219 -20.16 8.93 5.70
CA PHE C 219 -21.35 8.49 6.42
C PHE C 219 -22.50 9.45 6.21
N ALA C 220 -22.18 10.75 6.25
CA ALA C 220 -23.19 11.77 5.99
C ALA C 220 -23.72 11.67 4.57
N ASN C 221 -22.80 11.54 3.62
CA ASN C 221 -23.16 11.35 2.22
C ASN C 221 -23.96 10.08 2.01
N GLY C 222 -23.59 9.03 2.74
CA GLY C 222 -24.30 7.75 2.68
C GLY C 222 -25.76 7.93 3.04
N ALA C 223 -25.99 8.63 4.17
CA ALA C 223 -27.34 8.95 4.61
C ALA C 223 -28.13 9.78 3.59
N ILE C 224 -27.48 10.77 3.00
CA ILE C 224 -28.14 11.63 2.02
C ILE C 224 -28.51 10.84 0.76
N GLN C 225 -27.58 10.02 0.27
CA GLN C 225 -27.84 9.22 -0.92
C GLN C 225 -28.93 8.18 -0.65
N ALA C 226 -28.93 7.61 0.57
CA ALA C 226 -30.01 6.71 1.00
C ALA C 226 -31.37 7.43 1.00
N ALA C 227 -31.38 8.65 1.54
CA ALA C 227 -32.58 9.49 1.55
C ALA C 227 -33.13 9.74 0.14
N GLU C 228 -32.23 9.99 -0.81
CA GLU C 228 -32.59 10.24 -2.20
C GLU C 228 -33.28 9.04 -2.87
N ARG C 229 -32.88 7.83 -2.47
CA ARG C 229 -33.52 6.62 -2.99
C ARG C 229 -34.79 6.29 -2.22
N LEU C 230 -34.77 6.50 -0.90
CA LEU C 230 -35.89 6.12 -0.03
C LEU C 230 -37.18 6.88 -0.31
N VAL C 231 -37.07 8.16 -0.69
CA VAL C 231 -38.24 9.02 -0.89
C VAL C 231 -39.28 8.45 -1.85
N ASN C 232 -38.84 7.54 -2.73
CA ASN C 232 -39.73 6.95 -3.74
C ASN C 232 -40.18 5.51 -3.43
N LYS C 233 -39.65 4.96 -2.34
CA LYS C 233 -39.96 3.59 -1.95
C LYS C 233 -41.35 3.46 -1.32
N PRO C 234 -42.01 2.31 -1.51
CA PRO C 234 -43.23 2.04 -0.75
C PRO C 234 -42.92 1.92 0.73
N ASN C 235 -43.96 1.91 1.57
CA ASN C 235 -43.77 1.69 2.99
C ASN C 235 -43.08 0.36 3.23
N GLY C 236 -42.19 0.33 4.22
CA GLY C 236 -41.45 -0.88 4.54
C GLY C 236 -40.13 -0.60 5.20
N PHE C 237 -39.45 -1.67 5.58
CA PHE C 237 -38.15 -1.59 6.24
C PHE C 237 -37.06 -1.87 5.22
N TYR C 238 -36.06 -0.99 5.18
CA TYR C 238 -34.99 -1.09 4.19
C TYR C 238 -33.61 -1.02 4.82
N THR C 239 -32.69 -1.79 4.26
CA THR C 239 -31.27 -1.69 4.59
C THR C 239 -30.53 -1.53 3.25
N PHE C 240 -29.21 -1.42 3.28
CA PHE C 240 -28.46 -1.34 2.02
C PHE C 240 -28.71 -2.55 1.12
N ASP C 241 -29.16 -3.65 1.72
CA ASP C 241 -29.42 -4.89 0.99
C ASP C 241 -30.65 -4.85 0.07
N ASN C 242 -31.65 -4.05 0.42
CA ASN C 242 -32.88 -3.99 -0.38
C ASN C 242 -33.37 -2.59 -0.75
N LEU C 243 -32.57 -1.58 -0.42
CA LEU C 243 -32.90 -0.19 -0.80
C LEU C 243 -32.79 0.01 -2.31
N SER D 3 -1.28 -38.48 -1.99
CA SER D 3 -0.05 -38.36 -2.83
C SER D 3 -0.35 -38.63 -4.30
N MET D 4 -0.41 -37.55 -5.09
CA MET D 4 -0.60 -37.65 -6.54
C MET D 4 0.66 -38.12 -7.24
N LYS D 5 0.48 -39.02 -8.20
CA LYS D 5 1.55 -39.40 -9.11
C LYS D 5 1.41 -38.58 -10.37
N ILE D 6 2.43 -37.78 -10.66
CA ILE D 6 2.35 -36.77 -11.70
C ILE D 6 3.29 -37.09 -12.85
N LEU D 7 2.75 -37.01 -14.07
CA LEU D 7 3.56 -37.07 -15.26
C LEU D 7 3.79 -35.65 -15.75
N LEU D 8 5.05 -35.30 -15.98
CA LEU D 8 5.37 -33.98 -16.49
C LEU D 8 5.54 -34.06 -18.00
N ILE D 9 4.76 -33.26 -18.73
CA ILE D 9 4.98 -33.10 -20.16
C ILE D 9 5.78 -31.82 -20.31
N GLY D 10 7.02 -31.98 -20.77
CA GLY D 10 7.98 -30.90 -20.83
C GLY D 10 8.74 -30.81 -19.54
N TYR D 11 10.00 -30.40 -19.62
CA TYR D 11 10.80 -30.16 -18.43
C TYR D 11 11.62 -28.88 -18.59
N GLY D 12 10.93 -27.82 -18.99
CA GLY D 12 11.49 -26.48 -18.99
C GLY D 12 11.43 -25.88 -17.60
N ALA D 13 11.66 -24.57 -17.52
CA ALA D 13 11.69 -23.84 -16.24
C ALA D 13 10.43 -24.08 -15.41
N MET D 14 9.27 -24.09 -16.06
CA MET D 14 8.03 -24.17 -15.32
C MET D 14 7.78 -25.55 -14.72
N ASN D 15 8.00 -26.60 -15.51
CA ASN D 15 7.81 -27.95 -14.97
C ASN D 15 8.92 -28.37 -14.00
N GLN D 16 10.08 -27.71 -14.08
CA GLN D 16 11.08 -27.82 -13.01
C GLN D 16 10.55 -27.26 -11.70
N ARG D 17 9.81 -26.16 -11.76
CA ARG D 17 9.13 -25.61 -10.59
C ARG D 17 8.05 -26.58 -10.06
N VAL D 18 7.24 -27.11 -10.98
CA VAL D 18 6.21 -28.09 -10.62
C VAL D 18 6.83 -29.28 -9.89
N ALA D 19 7.96 -29.77 -10.38
CA ALA D 19 8.64 -30.93 -9.78
C ALA D 19 8.99 -30.65 -8.32
N ARG D 20 9.65 -29.52 -8.08
CA ARG D 20 10.05 -29.13 -6.73
C ARG D 20 8.85 -28.95 -5.80
N LEU D 21 7.84 -28.22 -6.25
CA LEU D 21 6.64 -27.96 -5.44
C LEU D 21 5.84 -29.23 -5.17
N ALA D 22 5.71 -30.08 -6.19
CA ALA D 22 4.97 -31.34 -6.07
C ALA D 22 5.62 -32.20 -5.00
N GLU D 23 6.95 -32.31 -5.07
CA GLU D 23 7.70 -33.12 -4.10
C GLU D 23 7.61 -32.54 -2.69
N GLU D 24 7.61 -31.21 -2.58
CA GLU D 24 7.38 -30.52 -1.31
C GLU D 24 6.04 -30.92 -0.70
N LYS D 25 5.01 -31.00 -1.54
CA LYS D 25 3.65 -31.34 -1.13
C LYS D 25 3.49 -32.83 -0.84
N GLY D 26 4.51 -33.62 -1.15
CA GLY D 26 4.46 -35.06 -0.95
C GLY D 26 3.95 -35.81 -2.17
N HIS D 27 3.76 -35.10 -3.29
CA HIS D 27 3.45 -35.75 -4.55
C HIS D 27 4.69 -36.41 -5.13
N GLU D 28 4.50 -37.22 -6.17
CA GLU D 28 5.59 -37.95 -6.78
C GLU D 28 5.59 -37.73 -8.28
N ILE D 29 6.76 -37.37 -8.82
CA ILE D 29 6.95 -37.29 -10.26
C ILE D 29 7.31 -38.69 -10.77
N VAL D 30 6.38 -39.32 -11.49
CA VAL D 30 6.57 -40.69 -11.98
C VAL D 30 7.11 -40.77 -13.41
N GLY D 31 7.20 -39.63 -14.08
CA GLY D 31 7.73 -39.65 -15.44
C GLY D 31 7.80 -38.26 -16.06
N VAL D 32 8.61 -38.16 -17.10
CA VAL D 32 8.76 -36.93 -17.86
C VAL D 32 8.76 -37.29 -19.34
N ILE D 33 7.98 -36.55 -20.12
CA ILE D 33 8.04 -36.63 -21.57
C ILE D 33 8.61 -35.32 -22.08
N GLU D 34 9.81 -35.38 -22.67
CA GLU D 34 10.46 -34.23 -23.26
C GLU D 34 10.56 -34.40 -24.77
N ASN D 35 10.50 -33.28 -25.50
CA ASN D 35 10.72 -33.29 -26.94
C ASN D 35 12.17 -33.66 -27.26
N THR D 36 13.09 -33.13 -26.48
CA THR D 36 14.48 -33.55 -26.53
C THR D 36 14.94 -33.90 -25.12
N PRO D 37 15.02 -35.21 -24.81
CA PRO D 37 15.39 -35.66 -23.47
C PRO D 37 16.82 -35.29 -23.09
N LYS D 38 17.00 -34.83 -21.87
CA LYS D 38 18.28 -34.36 -21.38
C LYS D 38 18.71 -35.17 -20.17
N ALA D 39 19.97 -35.56 -20.12
CA ALA D 39 20.51 -36.39 -19.04
C ALA D 39 20.40 -35.73 -17.68
N THR D 40 20.30 -34.40 -17.67
CA THR D 40 20.17 -33.62 -16.44
C THR D 40 18.76 -33.73 -15.82
N THR D 41 17.81 -34.30 -16.57
CA THR D 41 16.45 -34.50 -16.05
C THR D 41 16.45 -35.70 -15.10
N PRO D 42 16.21 -35.44 -13.80
CA PRO D 42 16.37 -36.46 -12.77
C PRO D 42 15.18 -37.41 -12.61
N TYR D 43 14.40 -37.59 -13.67
CA TYR D 43 13.24 -38.48 -13.63
C TYR D 43 13.21 -39.42 -14.84
N GLN D 44 12.49 -40.52 -14.70
CA GLN D 44 12.33 -41.50 -15.78
C GLN D 44 11.74 -40.85 -17.04
N GLN D 45 12.45 -41.00 -18.16
CA GLN D 45 12.02 -40.43 -19.43
C GLN D 45 11.10 -41.39 -20.20
N TYR D 46 10.03 -40.84 -20.77
CA TYR D 46 9.08 -41.62 -21.57
C TYR D 46 8.79 -40.91 -22.88
N GLN D 47 8.20 -41.65 -23.82
CA GLN D 47 7.82 -41.10 -25.12
C GLN D 47 6.30 -41.12 -25.27
N HIS D 48 5.62 -41.85 -24.38
CA HIS D 48 4.17 -42.04 -24.45
C HIS D 48 3.53 -42.06 -23.08
N ILE D 49 2.43 -41.32 -22.95
CA ILE D 49 1.65 -41.27 -21.73
C ILE D 49 1.26 -42.66 -21.23
N ALA D 50 0.86 -43.53 -22.16
CA ALA D 50 0.45 -44.90 -21.80
C ALA D 50 1.54 -45.75 -21.16
N ASP D 51 2.80 -45.38 -21.37
CA ASP D 51 3.93 -46.13 -20.83
C ASP D 51 4.23 -45.78 -19.37
N VAL D 52 3.76 -44.62 -18.95
CA VAL D 52 4.01 -44.14 -17.60
C VAL D 52 3.23 -44.99 -16.61
N LYS D 53 3.95 -45.55 -15.64
CA LYS D 53 3.34 -46.46 -14.67
C LYS D 53 2.63 -45.68 -13.58
N GLY D 54 1.31 -45.84 -13.51
CA GLY D 54 0.51 -45.35 -12.38
C GLY D 54 0.30 -43.86 -12.23
N ALA D 55 0.47 -43.10 -13.32
CA ALA D 55 0.22 -41.64 -13.29
C ALA D 55 -1.25 -41.35 -12.94
N ASP D 56 -1.46 -40.33 -12.13
CA ASP D 56 -2.80 -39.85 -11.80
C ASP D 56 -3.21 -38.67 -12.69
N VAL D 57 -2.21 -37.96 -13.18
CA VAL D 57 -2.43 -36.70 -13.89
C VAL D 57 -1.17 -36.33 -14.65
N ALA D 58 -1.33 -35.59 -15.74
CA ALA D 58 -0.20 -34.97 -16.41
C ALA D 58 -0.31 -33.45 -16.28
N ILE D 59 0.82 -32.83 -16.01
CA ILE D 59 0.91 -31.37 -16.01
C ILE D 59 1.79 -30.95 -17.18
N ASP D 60 1.24 -30.09 -18.03
CA ASP D 60 1.81 -29.82 -19.34
C ASP D 60 1.86 -28.30 -19.56
N PHE D 61 3.04 -27.71 -19.35
CA PHE D 61 3.25 -26.34 -19.78
C PHE D 61 3.75 -26.42 -21.22
N SER D 62 2.78 -26.28 -22.13
CA SER D 62 2.96 -26.69 -23.52
C SER D 62 3.66 -25.66 -24.38
N ASN D 63 4.14 -26.14 -25.52
CA ASN D 63 4.58 -25.31 -26.62
C ASN D 63 4.43 -26.20 -27.87
N PRO D 64 4.55 -25.63 -29.08
CA PRO D 64 4.37 -26.44 -30.31
C PRO D 64 5.15 -27.77 -30.35
N ASN D 65 6.33 -27.82 -29.73
CA ASN D 65 7.14 -29.04 -29.68
C ASN D 65 6.67 -30.10 -28.69
N LEU D 66 5.62 -29.79 -27.92
CA LEU D 66 5.11 -30.72 -26.91
C LEU D 66 3.69 -31.21 -27.19
N LEU D 67 3.19 -30.96 -28.39
CA LEU D 67 1.89 -31.49 -28.79
C LEU D 67 1.92 -33.01 -28.94
N PHE D 68 3.06 -33.55 -29.39
CA PHE D 68 3.13 -34.97 -29.81
C PHE D 68 2.53 -36.04 -28.87
N PRO D 69 2.76 -35.94 -27.53
CA PRO D 69 2.15 -37.01 -26.72
C PRO D 69 0.63 -36.97 -26.69
N LEU D 70 0.04 -35.83 -27.02
CA LEU D 70 -1.42 -35.68 -27.05
C LEU D 70 -2.06 -36.32 -28.28
N LEU D 71 -1.22 -36.81 -29.20
CA LEU D 71 -1.73 -37.39 -30.43
C LEU D 71 -1.88 -38.91 -30.35
N ASP D 72 -1.45 -39.51 -29.23
CA ASP D 72 -1.67 -40.94 -29.02
C ASP D 72 -3.13 -41.21 -28.70
N GLU D 73 -3.58 -42.43 -29.00
CA GLU D 73 -4.97 -42.79 -28.81
C GLU D 73 -5.14 -43.95 -27.84
N ASP D 74 -4.12 -44.20 -27.02
CA ASP D 74 -4.09 -45.35 -26.13
C ASP D 74 -3.92 -44.95 -24.66
N PHE D 75 -4.27 -43.71 -24.35
CA PHE D 75 -4.21 -43.25 -22.96
C PHE D 75 -5.50 -42.54 -22.56
N HIS D 76 -5.80 -42.62 -21.27
CA HIS D 76 -6.90 -41.87 -20.68
C HIS D 76 -6.32 -41.35 -19.38
N LEU D 77 -6.05 -40.05 -19.34
CA LEU D 77 -5.44 -39.46 -18.15
C LEU D 77 -5.89 -38.02 -17.98
N PRO D 78 -6.23 -37.60 -16.74
CA PRO D 78 -6.48 -36.18 -16.54
C PRO D 78 -5.27 -35.36 -17.00
N LEU D 79 -5.55 -34.31 -17.78
CA LEU D 79 -4.52 -33.44 -18.31
C LEU D 79 -4.75 -32.01 -17.86
N VAL D 80 -3.67 -31.43 -17.34
CA VAL D 80 -3.65 -30.02 -16.96
C VAL D 80 -2.68 -29.33 -17.91
N VAL D 81 -3.21 -28.41 -18.71
CA VAL D 81 -2.44 -27.85 -19.81
C VAL D 81 -2.46 -26.33 -19.86
N ALA D 82 -1.29 -25.74 -20.08
CA ALA D 82 -1.16 -24.31 -20.33
C ALA D 82 -0.35 -24.10 -21.61
N THR D 83 -0.55 -22.96 -22.26
CA THR D 83 0.32 -22.54 -23.36
C THR D 83 0.20 -21.03 -23.55
N THR D 84 1.20 -20.44 -24.20
CA THR D 84 1.20 -19.02 -24.54
C THR D 84 1.11 -18.85 -26.06
N GLY D 85 0.48 -17.75 -26.50
CA GLY D 85 0.38 -17.43 -27.93
C GLY D 85 -0.62 -18.34 -28.63
N GLU D 86 -0.21 -18.86 -29.78
CA GLU D 86 -1.07 -19.69 -30.64
C GLU D 86 -1.67 -20.89 -29.90
N LYS D 87 -3.00 -20.95 -29.88
CA LYS D 87 -3.73 -21.97 -29.11
C LYS D 87 -4.61 -22.87 -29.95
N GLU D 88 -4.93 -22.44 -31.18
CA GLU D 88 -5.97 -23.11 -31.97
C GLU D 88 -5.78 -24.61 -32.11
N LYS D 89 -4.61 -25.03 -32.61
CA LYS D 89 -4.33 -26.45 -32.84
C LYS D 89 -4.41 -27.23 -31.53
N LEU D 90 -3.77 -26.72 -30.49
CA LEU D 90 -3.80 -27.35 -29.18
C LEU D 90 -5.22 -27.49 -28.65
N LEU D 91 -5.99 -26.41 -28.69
CA LEU D 91 -7.34 -26.41 -28.13
C LEU D 91 -8.26 -27.37 -28.88
N ASN D 92 -8.07 -27.48 -30.19
CA ASN D 92 -8.79 -28.45 -31.01
C ASN D 92 -8.53 -29.88 -30.54
N LYS D 93 -7.27 -30.18 -30.23
CA LYS D 93 -6.88 -31.50 -29.72
C LYS D 93 -7.40 -31.76 -28.31
N LEU D 94 -7.34 -30.74 -27.46
CA LEU D 94 -7.83 -30.85 -26.08
C LEU D 94 -9.34 -31.08 -26.07
N ASP D 95 -10.04 -30.42 -27.00
CA ASP D 95 -11.48 -30.66 -27.15
C ASP D 95 -11.77 -32.14 -27.45
N GLU D 96 -10.97 -32.73 -28.33
CA GLU D 96 -11.15 -34.12 -28.71
C GLU D 96 -10.87 -35.02 -27.51
N LEU D 97 -9.75 -34.76 -26.84
CA LEU D 97 -9.37 -35.52 -25.65
C LEU D 97 -10.37 -35.39 -24.51
N SER D 98 -10.96 -34.20 -24.38
CA SER D 98 -11.95 -33.91 -23.32
C SER D 98 -13.21 -34.79 -23.42
N GLN D 99 -13.40 -35.44 -24.56
CA GLN D 99 -14.51 -36.38 -24.74
C GLN D 99 -14.27 -37.68 -23.98
N ASN D 100 -13.01 -37.98 -23.70
CA ASN D 100 -12.59 -39.31 -23.21
C ASN D 100 -11.82 -39.27 -21.88
N MET D 101 -11.52 -38.07 -21.39
CA MET D 101 -10.83 -37.90 -20.12
C MET D 101 -11.02 -36.47 -19.61
N PRO D 102 -10.77 -36.23 -18.31
CA PRO D 102 -10.80 -34.86 -17.80
C PRO D 102 -9.65 -34.01 -18.36
N VAL D 103 -9.98 -32.86 -18.94
CA VAL D 103 -8.97 -31.98 -19.50
C VAL D 103 -9.18 -30.57 -18.96
N PHE D 104 -8.11 -30.00 -18.41
CA PHE D 104 -8.11 -28.62 -17.90
C PHE D 104 -7.15 -27.77 -18.69
N PHE D 105 -7.64 -26.62 -19.15
CA PHE D 105 -6.80 -25.64 -19.82
C PHE D 105 -6.90 -24.27 -19.19
N SER D 106 -5.74 -23.67 -18.92
CA SER D 106 -5.69 -22.26 -18.56
C SER D 106 -4.38 -21.65 -19.06
N ALA D 107 -4.49 -20.58 -19.86
CA ALA D 107 -3.30 -19.90 -20.35
C ALA D 107 -2.53 -19.34 -19.16
N ASN D 108 -3.28 -18.86 -18.18
CA ASN D 108 -2.69 -18.35 -16.95
C ASN D 108 -3.05 -19.32 -15.82
N MET D 109 -2.03 -19.97 -15.27
CA MET D 109 -2.22 -21.01 -14.28
C MET D 109 -2.32 -20.52 -12.85
N SER D 110 -2.21 -19.21 -12.64
CA SER D 110 -2.30 -18.69 -11.28
C SER D 110 -3.73 -18.69 -10.79
N TYR D 111 -3.98 -19.45 -9.73
CA TYR D 111 -5.31 -19.47 -9.13
C TYR D 111 -5.63 -18.11 -8.46
N GLY D 112 -4.62 -17.48 -7.86
CA GLY D 112 -4.80 -16.16 -7.26
C GLY D 112 -5.26 -15.15 -8.29
N VAL D 113 -4.69 -15.21 -9.50
CA VAL D 113 -5.13 -14.33 -10.59
C VAL D 113 -6.58 -14.63 -10.98
N HIS D 114 -6.94 -15.91 -11.05
CA HIS D 114 -8.33 -16.27 -11.32
C HIS D 114 -9.25 -15.68 -10.24
N ALA D 115 -8.86 -15.86 -8.98
CA ALA D 115 -9.65 -15.34 -7.85
C ALA D 115 -9.80 -13.82 -7.93
N LEU D 116 -8.71 -13.14 -8.28
CA LEU D 116 -8.75 -11.69 -8.47
C LEU D 116 -9.81 -11.29 -9.50
N THR D 117 -9.84 -11.97 -10.64
CA THR D 117 -10.79 -11.65 -11.69
C THR D 117 -12.24 -11.86 -11.24
N LYS D 118 -12.48 -12.91 -10.45
CA LYS D 118 -13.82 -13.17 -9.92
C LYS D 118 -14.22 -12.14 -8.85
N ILE D 119 -13.25 -11.76 -8.02
CA ILE D 119 -13.47 -10.72 -7.02
C ILE D 119 -13.77 -9.39 -7.71
N LEU D 120 -12.99 -9.06 -8.73
CA LEU D 120 -13.25 -7.87 -9.55
C LEU D 120 -14.65 -7.90 -10.15
N ALA D 121 -15.06 -9.05 -10.71
CA ALA D 121 -16.39 -9.20 -11.29
C ALA D 121 -17.50 -8.93 -10.29
N ALA D 122 -17.30 -9.37 -9.05
CA ALA D 122 -18.25 -9.08 -7.96
C ALA D 122 -18.27 -7.59 -7.58
N ALA D 123 -17.09 -6.97 -7.59
CA ALA D 123 -16.91 -5.58 -7.17
C ALA D 123 -17.56 -4.58 -8.12
N VAL D 124 -17.35 -4.77 -9.43
CA VAL D 124 -17.79 -3.78 -10.44
C VAL D 124 -19.26 -3.32 -10.32
N PRO D 125 -20.23 -4.26 -10.31
CA PRO D 125 -21.62 -3.79 -10.25
C PRO D 125 -21.97 -3.14 -8.90
N LEU D 126 -21.20 -3.44 -7.86
CA LEU D 126 -21.43 -2.81 -6.55
C LEU D 126 -20.85 -1.41 -6.47
N LEU D 127 -19.93 -1.08 -7.37
CA LEU D 127 -19.17 0.16 -7.29
C LEU D 127 -19.28 1.01 -8.56
N ASP D 128 -20.46 1.07 -9.14
CA ASP D 128 -20.59 1.73 -10.45
C ASP D 128 -20.44 3.26 -10.40
N ASP D 129 -20.49 3.85 -9.20
CA ASP D 129 -20.18 5.28 -9.04
C ASP D 129 -18.71 5.55 -8.68
N PHE D 130 -17.88 4.52 -8.77
CA PHE D 130 -16.46 4.67 -8.45
C PHE D 130 -15.64 4.72 -9.74
N ASP D 131 -14.65 5.61 -9.79
CA ASP D 131 -13.70 5.66 -10.91
C ASP D 131 -12.75 4.48 -10.81
N ILE D 132 -12.43 3.85 -11.94
CA ILE D 132 -11.52 2.70 -11.92
C ILE D 132 -10.19 3.02 -12.55
N GLU D 133 -9.11 2.68 -11.84
CA GLU D 133 -7.75 2.82 -12.35
C GLU D 133 -7.03 1.49 -12.19
N LEU D 134 -6.34 1.08 -13.24
CA LEU D 134 -5.63 -0.20 -13.25
C LEU D 134 -4.13 0.04 -13.27
N THR D 135 -3.43 -0.58 -12.31
CA THR D 135 -1.98 -0.45 -12.24
C THR D 135 -1.37 -1.84 -12.23
N GLU D 136 -0.29 -2.02 -12.98
CA GLU D 136 0.49 -3.25 -12.90
C GLU D 136 1.96 -2.91 -12.78
N ALA D 137 2.69 -3.74 -12.04
CA ALA D 137 4.13 -3.55 -11.89
C ALA D 137 4.83 -4.86 -12.23
N HIS D 138 5.89 -4.75 -13.04
CA HIS D 138 6.74 -5.88 -13.39
C HIS D 138 8.19 -5.46 -13.45
N HIS D 139 9.07 -6.46 -13.47
CA HIS D 139 10.51 -6.31 -13.58
C HIS D 139 10.97 -5.46 -14.78
N ASN D 140 12.23 -5.03 -14.76
CA ASN D 140 12.76 -4.08 -15.75
C ASN D 140 13.08 -4.69 -17.13
N LYS D 141 12.81 -5.99 -17.28
CA LYS D 141 13.05 -6.69 -18.55
C LYS D 141 11.77 -6.86 -19.36
N LYS D 142 10.61 -6.56 -18.76
CA LYS D 142 9.33 -6.69 -19.45
C LYS D 142 9.13 -5.55 -20.45
N VAL D 143 8.94 -5.91 -21.73
CA VAL D 143 8.89 -4.89 -22.78
C VAL D 143 7.46 -4.41 -23.09
N ASP D 144 6.53 -5.34 -23.24
CA ASP D 144 5.17 -5.01 -23.59
C ASP D 144 4.48 -4.36 -22.40
N ALA D 145 3.65 -3.36 -22.69
CA ALA D 145 2.83 -2.70 -21.68
C ALA D 145 1.48 -2.35 -22.30
N PRO D 146 0.37 -2.58 -21.57
CA PRO D 146 0.32 -3.15 -20.24
C PRO D 146 0.43 -4.67 -20.28
N SER D 147 0.53 -5.28 -19.10
CA SER D 147 0.63 -6.74 -18.99
C SER D 147 -0.64 -7.42 -19.48
N GLY D 148 -0.49 -8.67 -19.91
CA GLY D 148 -1.65 -9.48 -20.31
C GLY D 148 -2.66 -9.60 -19.19
N THR D 149 -2.17 -9.69 -17.96
CA THR D 149 -3.07 -9.82 -16.80
C THR D 149 -3.90 -8.54 -16.60
N LEU D 150 -3.27 -7.38 -16.74
CA LEU D 150 -4.04 -6.14 -16.68
C LEU D 150 -5.11 -6.12 -17.79
N GLU D 151 -4.73 -6.55 -19.00
CA GLU D 151 -5.67 -6.64 -20.11
C GLU D 151 -6.86 -7.52 -19.75
N LYS D 152 -6.61 -8.65 -19.10
CA LYS D 152 -7.69 -9.56 -18.69
C LYS D 152 -8.62 -8.90 -17.67
N LEU D 153 -8.07 -8.11 -16.76
CA LEU D 153 -8.89 -7.40 -15.78
C LEU D 153 -9.72 -6.33 -16.46
N TYR D 154 -9.09 -5.61 -17.40
CA TYR D 154 -9.78 -4.59 -18.18
C TYR D 154 -10.95 -5.21 -18.97
N ASP D 155 -10.70 -6.40 -19.51
CA ASP D 155 -11.74 -7.13 -20.26
C ASP D 155 -12.95 -7.49 -19.37
N VAL D 156 -12.69 -7.87 -18.12
CA VAL D 156 -13.75 -8.14 -17.16
C VAL D 156 -14.64 -6.91 -16.95
N ILE D 157 -13.99 -5.76 -16.78
CA ILE D 157 -14.70 -4.50 -16.56
C ILE D 157 -15.52 -4.11 -17.80
N VAL D 158 -14.94 -4.27 -18.98
CA VAL D 158 -15.64 -3.98 -20.25
C VAL D 158 -16.92 -4.81 -20.39
N SER D 159 -16.87 -6.05 -19.91
CA SER D 159 -18.03 -6.94 -19.97
C SER D 159 -19.16 -6.50 -19.02
N LEU D 160 -18.82 -5.63 -18.07
CA LEU D 160 -19.76 -5.21 -17.02
C LEU D 160 -20.04 -3.71 -17.01
N LYS D 161 -19.51 -2.99 -17.99
CA LYS D 161 -19.79 -1.56 -18.15
C LYS D 161 -20.16 -1.26 -19.60
N GLU D 162 -20.27 0.03 -19.90
CA GLU D 162 -20.47 0.47 -21.27
C GLU D 162 -19.50 1.62 -21.57
N ASN D 163 -19.05 1.67 -22.81
CA ASN D 163 -18.28 2.80 -23.35
C ASN D 163 -16.94 3.05 -22.68
N VAL D 164 -16.40 2.02 -22.04
CA VAL D 164 -15.09 2.08 -21.38
C VAL D 164 -14.01 2.53 -22.37
N THR D 165 -13.17 3.45 -21.93
CA THR D 165 -12.06 3.96 -22.73
C THR D 165 -10.77 3.92 -21.90
N PRO D 166 -9.70 3.33 -22.45
CA PRO D 166 -8.45 3.28 -21.70
C PRO D 166 -7.70 4.59 -21.84
N VAL D 167 -7.06 5.03 -20.74
CA VAL D 167 -6.26 6.25 -20.76
C VAL D 167 -4.84 5.87 -20.33
N TYR D 168 -3.93 5.82 -21.30
CA TYR D 168 -2.58 5.27 -21.08
C TYR D 168 -1.56 6.28 -20.58
N ASP D 169 -1.82 7.56 -20.77
CA ASP D 169 -0.88 8.61 -20.38
C ASP D 169 -1.62 9.94 -20.23
N ARG D 170 -1.48 10.55 -19.07
CA ARG D 170 -2.12 11.85 -18.81
C ARG D 170 -1.16 13.03 -18.91
N HIS D 171 0.13 12.75 -19.10
CA HIS D 171 1.15 13.80 -19.17
C HIS D 171 0.85 14.78 -20.29
N GLU D 172 0.62 16.03 -19.92
CA GLU D 172 0.34 17.11 -20.88
C GLU D 172 -0.93 16.88 -21.72
N LEU D 173 -1.78 15.95 -21.27
CA LEU D 173 -3.05 15.69 -21.97
C LEU D 173 -4.03 16.84 -21.72
N ASN D 174 -4.09 17.29 -20.46
CA ASN D 174 -4.89 18.43 -20.03
C ASN D 174 -6.39 18.27 -20.28
N GLU D 175 -6.88 17.05 -20.06
CA GLU D 175 -8.29 16.73 -20.17
C GLU D 175 -8.84 16.29 -18.82
N LYS D 176 -10.09 16.64 -18.54
CA LYS D 176 -10.71 16.19 -17.30
C LYS D 176 -11.08 14.72 -17.42
N ARG D 177 -10.87 13.97 -16.35
CA ARG D 177 -11.30 12.57 -16.29
C ARG D 177 -12.80 12.48 -16.56
N GLN D 178 -13.18 11.49 -17.34
CA GLN D 178 -14.59 11.16 -17.57
C GLN D 178 -14.87 9.83 -16.89
N PRO D 179 -16.12 9.61 -16.43
CA PRO D 179 -16.48 8.40 -15.67
C PRO D 179 -16.20 7.08 -16.38
N GLN D 180 -16.24 7.07 -17.71
CA GLN D 180 -16.00 5.85 -18.48
CA GLN D 180 -16.00 5.85 -18.48
C GLN D 180 -14.52 5.56 -18.70
N ASP D 181 -13.66 6.53 -18.35
CA ASP D 181 -12.20 6.36 -18.46
C ASP D 181 -11.71 5.32 -17.47
N ILE D 182 -10.76 4.52 -17.92
CA ILE D 182 -9.95 3.69 -17.03
C ILE D 182 -8.47 4.01 -17.27
N GLY D 183 -7.84 4.62 -16.27
CA GLY D 183 -6.42 4.93 -16.36
C GLY D 183 -5.62 3.65 -16.28
N ILE D 184 -4.58 3.53 -17.11
CA ILE D 184 -3.76 2.33 -17.20
C ILE D 184 -2.32 2.71 -16.92
N HIS D 185 -1.71 2.01 -15.97
CA HIS D 185 -0.39 2.38 -15.46
C HIS D 185 0.51 1.16 -15.40
N SER D 186 1.65 1.25 -16.10
CA SER D 186 2.61 0.16 -16.18
C SER D 186 3.95 0.55 -15.55
N ILE D 187 4.13 0.12 -14.31
CA ILE D 187 5.37 0.31 -13.57
C ILE D 187 6.39 -0.76 -13.94
N ARG D 188 7.62 -0.34 -14.24
CA ARG D 188 8.70 -1.25 -14.57
C ARG D 188 9.90 -0.97 -13.68
N GLY D 189 10.42 -2.01 -13.04
CA GLY D 189 11.56 -1.84 -12.15
C GLY D 189 12.02 -3.12 -11.51
N GLY D 190 13.33 -3.20 -11.29
CA GLY D 190 13.93 -4.30 -10.55
C GLY D 190 13.53 -5.66 -11.07
N THR D 191 13.25 -6.56 -10.14
CA THR D 191 12.92 -7.94 -10.49
C THR D 191 11.48 -8.31 -10.11
N ILE D 192 10.64 -7.28 -9.93
CA ILE D 192 9.23 -7.43 -9.57
C ILE D 192 8.56 -8.54 -10.39
N VAL D 193 8.10 -9.59 -9.73
CA VAL D 193 7.53 -10.73 -10.45
C VAL D 193 6.19 -10.37 -11.11
N GLY D 194 5.36 -9.60 -10.42
CA GLY D 194 4.11 -9.15 -11.01
C GLY D 194 3.08 -8.77 -9.97
N GLU D 195 2.67 -7.51 -10.00
CA GLU D 195 1.68 -7.00 -9.07
C GLU D 195 0.58 -6.36 -9.91
N HIS D 196 -0.67 -6.61 -9.56
CA HIS D 196 -1.79 -5.99 -10.25
C HIS D 196 -2.77 -5.38 -9.25
N GLU D 197 -3.12 -4.11 -9.47
CA GLU D 197 -4.01 -3.38 -8.56
C GLU D 197 -5.20 -2.84 -9.34
N VAL D 198 -6.38 -3.03 -8.78
CA VAL D 198 -7.58 -2.34 -9.25
C VAL D 198 -7.95 -1.32 -8.17
N LEU D 199 -7.96 -0.05 -8.55
CA LEU D 199 -8.38 1.03 -7.66
C LEU D 199 -9.80 1.46 -8.03
N PHE D 200 -10.69 1.49 -7.05
CA PHE D 200 -12.02 2.07 -7.20
C PHE D 200 -12.06 3.32 -6.34
N ALA D 201 -12.16 4.49 -6.97
CA ALA D 201 -12.14 5.74 -6.22
C ALA D 201 -13.49 6.43 -6.25
N GLY D 202 -14.09 6.55 -5.07
CA GLY D 202 -15.39 7.15 -4.90
C GLY D 202 -15.29 8.50 -4.20
N THR D 203 -16.43 8.98 -3.71
CA THR D 203 -16.46 10.25 -3.00
C THR D 203 -15.96 10.02 -1.58
N ASP D 204 -14.75 10.54 -1.30
CA ASP D 204 -14.08 10.43 0.01
C ASP D 204 -13.78 9.01 0.48
N GLU D 205 -13.68 8.07 -0.47
CA GLU D 205 -13.31 6.71 -0.14
C GLU D 205 -12.75 5.98 -1.35
N THR D 206 -11.86 5.02 -1.11
CA THR D 206 -11.32 4.18 -2.16
C THR D 206 -11.39 2.73 -1.73
N ILE D 207 -11.50 1.85 -2.71
CA ILE D 207 -11.36 0.41 -2.48
C ILE D 207 -10.29 -0.08 -3.44
N GLN D 208 -9.27 -0.74 -2.90
CA GLN D 208 -8.20 -1.31 -3.72
C GLN D 208 -8.21 -2.82 -3.63
N ILE D 209 -8.03 -3.49 -4.75
CA ILE D 209 -7.88 -4.94 -4.74
C ILE D 209 -6.58 -5.22 -5.45
N THR D 210 -5.67 -5.91 -4.76
CA THR D 210 -4.28 -6.04 -5.20
C THR D 210 -3.82 -7.50 -5.15
N HIS D 211 -3.31 -8.02 -6.26
CA HIS D 211 -2.64 -9.32 -6.28
C HIS D 211 -1.15 -9.08 -6.47
N ARG D 212 -0.34 -9.75 -5.66
CA ARG D 212 1.12 -9.62 -5.77
C ARG D 212 1.75 -11.00 -5.81
N ALA D 213 2.50 -11.25 -6.88
CA ALA D 213 3.23 -12.50 -7.06
C ALA D 213 4.65 -12.40 -6.52
N GLN D 214 5.05 -13.40 -5.74
CA GLN D 214 6.36 -13.44 -5.13
C GLN D 214 7.38 -14.16 -6.02
N SER D 215 6.88 -15.14 -6.78
CA SER D 215 7.70 -15.86 -7.73
C SER D 215 6.81 -16.55 -8.76
N LYS D 216 7.43 -17.05 -9.83
CA LYS D 216 6.68 -17.78 -10.83
C LYS D 216 6.17 -19.14 -10.33
N ASP D 217 6.54 -19.54 -9.10
CA ASP D 217 5.95 -20.73 -8.46
C ASP D 217 4.43 -20.67 -8.40
N ILE D 218 3.86 -19.46 -8.44
CA ILE D 218 2.39 -19.36 -8.45
C ILE D 218 1.72 -20.09 -9.63
N PHE D 219 2.39 -20.10 -10.78
CA PHE D 219 1.85 -20.75 -11.96
C PHE D 219 2.00 -22.25 -11.86
N ALA D 220 3.16 -22.68 -11.38
CA ALA D 220 3.43 -24.09 -11.10
C ALA D 220 2.48 -24.62 -10.03
N ASN D 221 2.32 -23.86 -8.95
CA ASN D 221 1.42 -24.27 -7.87
C ASN D 221 -0.03 -24.32 -8.33
N GLY D 222 -0.41 -23.36 -9.18
CA GLY D 222 -1.75 -23.31 -9.76
C GLY D 222 -2.09 -24.55 -10.56
N ALA D 223 -1.13 -25.00 -11.38
CA ALA D 223 -1.29 -26.21 -12.17
C ALA D 223 -1.43 -27.43 -11.24
N ILE D 224 -0.64 -27.48 -10.17
CA ILE D 224 -0.73 -28.58 -9.21
C ILE D 224 -2.09 -28.57 -8.50
N GLN D 225 -2.53 -27.39 -8.08
CA GLN D 225 -3.86 -27.25 -7.45
C GLN D 225 -4.97 -27.64 -8.42
N ALA D 226 -4.82 -27.26 -9.70
CA ALA D 226 -5.78 -27.63 -10.73
C ALA D 226 -5.80 -29.14 -10.90
N ALA D 227 -4.61 -29.74 -10.93
CA ALA D 227 -4.46 -31.20 -11.03
C ALA D 227 -5.16 -31.93 -9.88
N GLU D 228 -4.97 -31.45 -8.66
CA GLU D 228 -5.57 -32.08 -7.47
C GLU D 228 -7.10 -32.12 -7.54
N ARG D 229 -7.68 -31.09 -8.15
CA ARG D 229 -9.13 -31.02 -8.34
C ARG D 229 -9.60 -31.83 -9.56
N LEU D 230 -8.80 -31.81 -10.61
CA LEU D 230 -9.20 -32.43 -11.89
C LEU D 230 -9.35 -33.94 -11.81
N VAL D 231 -8.53 -34.59 -10.99
CA VAL D 231 -8.57 -36.05 -10.87
C VAL D 231 -9.93 -36.56 -10.36
N ASN D 232 -10.69 -35.65 -9.77
CA ASN D 232 -12.01 -35.99 -9.23
C ASN D 232 -13.16 -35.48 -10.09
N LYS D 233 -12.86 -35.18 -11.36
CA LYS D 233 -13.87 -34.74 -12.30
C LYS D 233 -14.17 -35.85 -13.32
N PRO D 234 -15.38 -35.82 -13.90
CA PRO D 234 -15.64 -36.73 -15.00
C PRO D 234 -14.97 -36.16 -16.25
N ASN D 235 -15.04 -36.90 -17.36
CA ASN D 235 -14.54 -36.37 -18.62
C ASN D 235 -15.18 -35.03 -18.92
N GLY D 236 -14.43 -34.15 -19.58
CA GLY D 236 -14.93 -32.84 -19.94
C GLY D 236 -13.81 -31.84 -20.10
N PHE D 237 -14.15 -30.65 -20.60
CA PHE D 237 -13.16 -29.58 -20.77
C PHE D 237 -13.42 -28.56 -19.68
N TYR D 238 -12.37 -28.27 -18.90
CA TYR D 238 -12.48 -27.39 -17.73
C TYR D 238 -11.50 -26.25 -17.78
N THR D 239 -11.90 -25.13 -17.18
CA THR D 239 -11.03 -24.00 -16.93
C THR D 239 -11.25 -23.66 -15.47
N PHE D 240 -10.58 -22.62 -14.97
CA PHE D 240 -10.82 -22.24 -13.57
C PHE D 240 -12.29 -21.87 -13.30
N ASP D 241 -13.01 -21.45 -14.35
CA ASP D 241 -14.42 -21.04 -14.21
C ASP D 241 -15.37 -22.19 -13.87
N ASN D 242 -15.07 -23.41 -14.31
CA ASN D 242 -15.96 -24.54 -14.06
C ASN D 242 -15.33 -25.79 -13.43
N LEU D 243 -14.02 -25.72 -13.15
CA LEU D 243 -13.34 -26.82 -12.48
C LEU D 243 -13.96 -27.13 -11.11
#